data_8R2J
#
_entry.id   8R2J
#
_cell.length_a   87.313
_cell.length_b   87.313
_cell.length_c   174.382
_cell.angle_alpha   90.00
_cell.angle_beta   90.00
_cell.angle_gamma   120.00
#
_symmetry.space_group_name_H-M   'P 65'
#
loop_
_entity.id
_entity.type
_entity.pdbx_description
1 polymer 'NmrA family transcriptional regulator'
2 non-polymer DOXORUBICIN
3 non-polymer 'NADP NICOTINAMIDE-ADENINE-DINUCLEOTIDE PHOSPHATE'
4 water water
#
_entity_poly.entity_id   1
_entity_poly.type   'polypeptide(L)'
_entity_poly.pdbx_seq_one_letter_code
;STILVTGATGNVGRNVVRQLAERGHDVRALTRRARPGAAPEGVRVQEGDLTHPKTLKDALEGVDALFLFPVAATAEEVVG
MAKSAGVRRIVVLSSGAVTAGYDTDFHLPVERAVEASGLEWTHVRPGEFAMNKLALWGPPIRAERVVREPAPDAGWFPVH
EQDIADVAVLALTEEGHAGQAYTLNGPELLTHRRQVELIADAMGEEIRLEVVTPQQAREIYLAQGGFAAENVDFLLGFED
YGGNESDPSAEAEAEAFDLSSLGPMPTAEAVTGRPARTFAQWARDHADEFRA
;
_entity_poly.pdbx_strand_id   A,B
#
loop_
_chem_comp.id
_chem_comp.type
_chem_comp.name
_chem_comp.formula
DM2 non-polymer DOXORUBICIN 'C27 H29 N O11'
NAP non-polymer 'NADP NICOTINAMIDE-ADENINE-DINUCLEOTIDE PHOSPHATE' 'C21 H28 N7 O17 P3'
#
# COMPACT_ATOMS: atom_id res chain seq x y z
N SER A 1 -1.99 -12.96 23.29
CA SER A 1 -2.78 -13.23 22.09
C SER A 1 -2.53 -14.66 21.64
N THR A 2 -3.53 -15.32 21.06
CA THR A 2 -3.36 -16.64 20.44
C THR A 2 -2.91 -16.44 19.00
N ILE A 3 -1.74 -16.92 18.65
CA ILE A 3 -1.13 -16.73 17.31
C ILE A 3 -0.77 -18.10 16.77
N LEU A 4 -1.23 -18.37 15.57
CA LEU A 4 -0.86 -19.58 14.83
C LEU A 4 0.16 -19.15 13.80
N VAL A 5 1.30 -19.81 13.83
CA VAL A 5 2.39 -19.60 12.87
C VAL A 5 2.44 -20.82 11.95
N THR A 6 2.06 -20.59 10.69
CA THR A 6 2.31 -21.54 9.57
C THR A 6 3.70 -21.22 9.06
N GLY A 7 4.38 -22.18 8.46
CA GLY A 7 5.82 -22.04 8.14
C GLY A 7 6.70 -22.07 9.38
N ALA A 8 6.21 -22.67 10.48
CA ALA A 8 6.79 -22.68 11.84
C ALA A 8 8.14 -23.39 11.91
N THR A 9 8.38 -24.46 11.15
CA THR A 9 9.66 -25.20 11.13
C THR A 9 10.62 -24.54 10.14
N GLY A 10 10.21 -23.48 9.45
CA GLY A 10 11.01 -22.84 8.39
C GLY A 10 12.02 -21.84 8.94
N ASN A 11 12.94 -21.44 8.06
CA ASN A 11 14.01 -20.46 8.35
C ASN A 11 13.40 -19.25 9.07
N VAL A 12 12.29 -18.73 8.58
CA VAL A 12 11.66 -17.51 9.13
C VAL A 12 10.78 -17.91 10.30
N GLY A 13 9.85 -18.83 10.10
CA GLY A 13 8.89 -19.24 11.14
C GLY A 13 9.52 -19.73 12.45
N ARG A 14 10.60 -20.52 12.42
CA ARG A 14 11.31 -20.98 13.65
CA ARG A 14 11.27 -20.98 13.67
C ARG A 14 11.52 -19.76 14.56
N ASN A 15 11.98 -18.65 13.96
CA ASN A 15 12.38 -17.42 14.71
C ASN A 15 11.11 -16.72 15.24
N VAL A 16 10.14 -16.53 14.36
CA VAL A 16 8.82 -15.95 14.73
C VAL A 16 8.30 -16.66 15.98
N VAL A 17 8.25 -18.00 15.94
CA VAL A 17 7.74 -18.83 17.06
C VAL A 17 8.50 -18.48 18.33
N ARG A 18 9.84 -18.50 18.27
CA ARG A 18 10.69 -18.37 19.48
C ARG A 18 10.42 -16.98 20.09
N GLN A 19 10.34 -15.93 19.28
CA GLN A 19 10.12 -14.55 19.75
C GLN A 19 8.70 -14.36 20.30
N LEU A 20 7.65 -14.88 19.67
CA LEU A 20 6.26 -14.74 20.20
C LEU A 20 6.15 -15.45 21.56
N ALA A 21 6.88 -16.56 21.71
CA ALA A 21 6.83 -17.40 22.91
C ALA A 21 7.54 -16.64 24.03
N GLU A 22 8.64 -15.95 23.72
CA GLU A 22 9.39 -15.15 24.75
CA GLU A 22 9.40 -15.13 24.71
C GLU A 22 8.49 -13.98 25.20
N ARG A 23 7.80 -13.33 24.28
CA ARG A 23 6.84 -12.23 24.60
CA ARG A 23 6.84 -12.24 24.60
C ARG A 23 5.70 -12.79 25.47
N GLY A 24 5.68 -14.11 25.68
CA GLY A 24 4.63 -14.75 26.47
C GLY A 24 3.28 -14.78 25.75
N HIS A 25 3.25 -14.80 24.43
CA HIS A 25 2.00 -15.09 23.71
C HIS A 25 1.64 -16.58 23.73
N ASP A 26 0.39 -16.86 23.43
CA ASP A 26 -0.16 -18.24 23.35
C ASP A 26 0.09 -18.71 21.91
N VAL A 27 1.15 -19.43 21.67
CA VAL A 27 1.65 -19.67 20.28
C VAL A 27 1.33 -21.10 19.84
N ARG A 28 0.91 -21.23 18.59
CA ARG A 28 0.70 -22.54 17.97
C ARG A 28 1.56 -22.62 16.71
N ALA A 29 2.12 -23.79 16.44
CA ALA A 29 3.03 -24.05 15.32
C ALA A 29 2.41 -25.13 14.42
N LEU A 30 2.05 -24.74 13.20
CA LEU A 30 1.53 -25.65 12.15
C LEU A 30 2.69 -26.31 11.40
N THR A 31 2.65 -27.64 11.33
CA THR A 31 3.54 -28.48 10.53
C THR A 31 2.73 -29.63 9.92
N ARG A 32 3.17 -30.14 8.78
CA ARG A 32 2.56 -31.33 8.15
C ARG A 32 2.88 -32.59 8.97
N ARG A 33 3.97 -32.64 9.72
CA ARG A 33 4.24 -33.83 10.56
C ARG A 33 4.61 -33.37 11.96
N ALA A 34 3.67 -33.54 12.89
CA ALA A 34 3.82 -33.18 14.32
C ALA A 34 4.85 -34.10 14.96
N ARG A 35 5.91 -33.51 15.49
CA ARG A 35 6.94 -34.24 16.26
C ARG A 35 7.52 -33.26 17.27
N PRO A 36 8.21 -33.75 18.32
CA PRO A 36 8.89 -32.86 19.26
C PRO A 36 10.04 -32.13 18.55
N GLY A 37 10.27 -30.87 18.92
CA GLY A 37 11.38 -30.07 18.35
C GLY A 37 11.01 -29.39 17.04
N ALA A 38 9.76 -29.52 16.61
CA ALA A 38 9.17 -28.66 15.56
C ALA A 38 9.03 -27.24 16.10
N ALA A 39 8.78 -27.12 17.40
CA ALA A 39 8.63 -25.84 18.14
C ALA A 39 9.23 -25.98 19.53
N PRO A 40 9.56 -24.87 20.18
CA PRO A 40 9.96 -24.91 21.58
C PRO A 40 8.91 -25.48 22.54
N GLU A 41 9.39 -25.94 23.70
CA GLU A 41 8.60 -26.27 24.92
C GLU A 41 7.58 -25.16 25.19
N GLY A 42 6.32 -25.55 25.37
CA GLY A 42 5.20 -24.65 25.75
C GLY A 42 4.44 -24.17 24.54
N VAL A 43 4.99 -24.38 23.34
CA VAL A 43 4.30 -24.05 22.05
C VAL A 43 3.54 -25.30 21.60
N ARG A 44 2.26 -25.12 21.27
CA ARG A 44 1.32 -26.19 20.84
C ARG A 44 1.61 -26.48 19.37
N VAL A 45 2.09 -27.66 19.05
CA VAL A 45 2.31 -28.11 17.65
C VAL A 45 0.99 -28.66 17.13
N GLN A 46 0.48 -28.10 16.03
CA GLN A 46 -0.75 -28.54 15.34
C GLN A 46 -0.33 -29.13 14.00
N GLU A 47 -0.83 -30.33 13.76
CA GLU A 47 -0.61 -31.05 12.49
C GLU A 47 -1.67 -30.58 11.50
N GLY A 48 -1.25 -30.29 10.27
CA GLY A 48 -2.14 -29.77 9.22
C GLY A 48 -1.40 -29.43 7.96
N ASP A 49 -2.14 -29.22 6.88
CA ASP A 49 -1.57 -29.05 5.52
C ASP A 49 -2.34 -27.91 4.87
N LEU A 50 -1.62 -26.88 4.46
CA LEU A 50 -2.18 -25.70 3.78
C LEU A 50 -2.84 -26.13 2.49
N THR A 51 -2.42 -27.22 1.85
CA THR A 51 -3.03 -27.67 0.56
C THR A 51 -4.33 -28.44 0.79
N HIS A 52 -4.66 -28.76 2.04
CA HIS A 52 -5.89 -29.46 2.48
C HIS A 52 -6.51 -28.68 3.62
N PRO A 53 -7.11 -27.52 3.35
CA PRO A 53 -7.58 -26.61 4.40
C PRO A 53 -8.49 -27.18 5.50
N LYS A 54 -9.23 -28.24 5.27
CA LYS A 54 -10.13 -28.78 6.34
C LYS A 54 -9.28 -29.31 7.50
N THR A 55 -7.99 -29.59 7.26
CA THR A 55 -7.04 -30.07 8.29
C THR A 55 -6.68 -28.93 9.27
N LEU A 56 -7.08 -27.69 9.00
CA LEU A 56 -6.65 -26.53 9.81
C LEU A 56 -7.72 -26.11 10.81
N LYS A 57 -8.84 -26.81 10.87
CA LYS A 57 -9.99 -26.37 11.66
C LYS A 57 -9.56 -26.21 13.12
N ASP A 58 -8.88 -27.18 13.71
CA ASP A 58 -8.58 -27.16 15.17
C ASP A 58 -7.47 -26.14 15.41
N ALA A 59 -6.55 -26.03 14.47
CA ALA A 59 -5.38 -25.14 14.55
C ALA A 59 -5.84 -23.67 14.58
N LEU A 60 -6.92 -23.34 13.89
CA LEU A 60 -7.39 -21.94 13.78
C LEU A 60 -8.39 -21.63 14.87
N GLU A 61 -8.86 -22.60 15.67
CA GLU A 61 -9.96 -22.36 16.65
C GLU A 61 -9.43 -21.48 17.79
N GLY A 62 -10.04 -20.31 18.00
CA GLY A 62 -9.78 -19.36 19.10
C GLY A 62 -8.59 -18.44 18.81
N VAL A 63 -8.12 -18.42 17.57
CA VAL A 63 -6.88 -17.70 17.16
C VAL A 63 -7.21 -16.22 16.89
N ASP A 64 -6.31 -15.33 17.31
CA ASP A 64 -6.43 -13.86 17.13
C ASP A 64 -5.66 -13.43 15.87
N ALA A 65 -4.51 -14.03 15.60
CA ALA A 65 -3.57 -13.58 14.54
C ALA A 65 -2.90 -14.79 13.93
N LEU A 66 -2.56 -14.67 12.67
CA LEU A 66 -2.04 -15.77 11.85
C LEU A 66 -0.84 -15.28 11.04
N PHE A 67 0.25 -16.01 11.12
CA PHE A 67 1.36 -15.87 10.17
C PHE A 67 1.16 -16.90 9.07
N LEU A 68 0.94 -16.40 7.87
CA LEU A 68 0.53 -17.25 6.73
C LEU A 68 1.71 -17.50 5.77
N PHE A 69 2.14 -18.75 5.66
CA PHE A 69 3.13 -19.23 4.65
C PHE A 69 2.41 -19.27 3.31
N PRO A 70 3.02 -18.82 2.20
CA PRO A 70 2.28 -18.70 0.93
C PRO A 70 1.97 -19.97 0.14
N VAL A 71 0.68 -20.23 -0.04
CA VAL A 71 0.21 -21.35 -0.90
C VAL A 71 -1.00 -20.83 -1.68
N ALA A 72 -0.69 -20.32 -2.88
CA ALA A 72 -1.65 -19.62 -3.77
C ALA A 72 -2.86 -20.52 -4.11
N ALA A 73 -2.71 -21.84 -4.19
CA ALA A 73 -3.80 -22.70 -4.67
C ALA A 73 -4.99 -22.66 -3.71
N THR A 74 -4.76 -22.47 -2.41
CA THR A 74 -5.79 -22.65 -1.35
C THR A 74 -5.92 -21.40 -0.49
N ALA A 75 -5.22 -20.35 -0.85
CA ALA A 75 -5.11 -19.17 0.02
C ALA A 75 -6.51 -18.69 0.36
N GLU A 76 -7.39 -18.60 -0.64
CA GLU A 76 -8.72 -18.02 -0.40
C GLU A 76 -9.46 -18.87 0.64
N GLU A 77 -9.32 -20.18 0.52
CA GLU A 77 -10.03 -21.14 1.37
C GLU A 77 -9.48 -21.03 2.79
N VAL A 78 -8.16 -20.89 2.94
CA VAL A 78 -7.49 -20.82 4.26
C VAL A 78 -7.88 -19.50 4.92
N VAL A 79 -7.84 -18.41 4.17
CA VAL A 79 -8.26 -17.06 4.64
C VAL A 79 -9.72 -17.14 5.09
N GLY A 80 -10.56 -17.82 4.32
CA GLY A 80 -11.99 -17.93 4.63
C GLY A 80 -12.20 -18.64 5.95
N MET A 81 -11.37 -19.64 6.23
CA MET A 81 -11.45 -20.42 7.49
C MET A 81 -10.93 -19.59 8.68
N ALA A 82 -9.85 -18.83 8.47
CA ALA A 82 -9.31 -17.87 9.43
C ALA A 82 -10.44 -16.92 9.80
N LYS A 83 -11.07 -16.32 8.80
CA LYS A 83 -12.20 -15.39 9.03
C LYS A 83 -13.33 -16.08 9.80
N SER A 84 -13.77 -17.27 9.41
CA SER A 84 -14.83 -18.00 10.16
C SER A 84 -14.46 -18.21 11.62
N ALA A 85 -13.19 -18.55 11.87
CA ALA A 85 -12.64 -18.87 13.22
C ALA A 85 -12.58 -17.61 14.11
N GLY A 86 -12.67 -16.41 13.52
CA GLY A 86 -12.61 -15.13 14.25
C GLY A 86 -11.19 -14.56 14.33
N VAL A 87 -10.27 -15.01 13.49
CA VAL A 87 -8.94 -14.38 13.33
C VAL A 87 -9.18 -12.94 12.89
N ARG A 88 -8.46 -12.00 13.50
CA ARG A 88 -8.59 -10.54 13.25
C ARG A 88 -7.47 -10.06 12.35
N ARG A 89 -6.35 -10.78 12.33
CA ARG A 89 -5.10 -10.28 11.70
C ARG A 89 -4.35 -11.39 10.98
N ILE A 90 -3.92 -11.09 9.76
CA ILE A 90 -3.05 -12.00 9.00
C ILE A 90 -1.80 -11.24 8.55
N VAL A 91 -0.67 -11.84 8.84
CA VAL A 91 0.63 -11.33 8.36
C VAL A 91 1.14 -12.35 7.38
N VAL A 92 1.49 -11.89 6.18
CA VAL A 92 1.80 -12.81 5.06
C VAL A 92 3.31 -12.92 4.83
N LEU A 93 3.84 -14.12 4.67
CA LEU A 93 5.21 -14.27 4.13
C LEU A 93 5.11 -14.18 2.60
N SER A 94 5.43 -13.02 2.03
CA SER A 94 5.31 -12.75 0.59
C SER A 94 6.72 -12.65 0.02
N SER A 95 6.93 -11.71 -0.91
CA SER A 95 8.18 -11.65 -1.68
C SER A 95 8.36 -10.24 -2.27
N GLY A 96 9.59 -9.71 -2.24
CA GLY A 96 9.88 -8.41 -2.85
C GLY A 96 9.69 -8.43 -4.35
N ALA A 97 9.67 -9.62 -4.96
CA ALA A 97 9.35 -9.78 -6.39
C ALA A 97 7.92 -9.29 -6.66
N VAL A 98 7.05 -9.26 -5.66
CA VAL A 98 5.73 -8.61 -5.82
C VAL A 98 5.94 -7.10 -6.00
N THR A 99 6.74 -6.49 -5.13
CA THR A 99 7.02 -5.03 -5.15
C THR A 99 7.58 -4.65 -6.53
N ALA A 100 8.50 -5.46 -7.04
CA ALA A 100 9.22 -5.23 -8.31
C ALA A 100 8.27 -5.36 -9.52
N GLY A 101 7.14 -6.10 -9.39
CA GLY A 101 6.21 -6.39 -10.49
C GLY A 101 6.45 -7.75 -11.18
N TYR A 102 7.44 -8.52 -10.71
CA TYR A 102 7.88 -9.81 -11.32
C TYR A 102 6.89 -10.91 -10.92
N ASP A 103 6.36 -10.88 -9.70
CA ASP A 103 5.46 -11.91 -9.14
C ASP A 103 4.05 -11.35 -9.20
N THR A 104 3.23 -11.89 -10.10
CA THR A 104 1.79 -11.57 -10.21
C THR A 104 0.98 -12.86 -10.11
N ASP A 105 1.62 -14.01 -9.94
CA ASP A 105 0.92 -15.31 -10.01
C ASP A 105 1.32 -16.26 -8.88
N PHE A 106 2.20 -15.90 -7.96
CA PHE A 106 2.46 -16.83 -6.82
C PHE A 106 2.23 -16.16 -5.49
N HIS A 107 3.01 -15.16 -5.14
CA HIS A 107 2.82 -14.48 -3.84
C HIS A 107 1.66 -13.50 -3.94
N LEU A 108 1.43 -12.86 -5.09
CA LEU A 108 0.39 -11.81 -5.18
C LEU A 108 -0.99 -12.40 -4.88
N PRO A 109 -1.39 -13.58 -5.44
CA PRO A 109 -2.70 -14.15 -5.15
C PRO A 109 -2.92 -14.41 -3.66
N VAL A 110 -1.86 -14.72 -2.93
CA VAL A 110 -1.96 -14.90 -1.46
C VAL A 110 -2.27 -13.54 -0.84
N GLU A 111 -1.57 -12.50 -1.23
CA GLU A 111 -1.81 -11.14 -0.72
C GLU A 111 -3.27 -10.75 -0.99
N ARG A 112 -3.70 -11.04 -2.21
CA ARG A 112 -5.00 -10.57 -2.76
C ARG A 112 -6.15 -11.22 -1.98
N ALA A 113 -5.99 -12.48 -1.60
CA ALA A 113 -7.02 -13.22 -0.83
C ALA A 113 -7.14 -12.55 0.54
N VAL A 114 -6.00 -12.27 1.15
CA VAL A 114 -5.89 -11.63 2.49
C VAL A 114 -6.48 -10.23 2.41
N GLU A 115 -6.16 -9.46 1.37
CA GLU A 115 -6.69 -8.08 1.25
C GLU A 115 -8.21 -8.13 1.10
N ALA A 116 -8.76 -9.12 0.42
CA ALA A 116 -10.20 -9.17 0.10
C ALA A 116 -11.03 -9.63 1.32
N SER A 117 -10.41 -10.19 2.37
CA SER A 117 -11.11 -10.85 3.51
C SER A 117 -11.76 -9.84 4.46
N GLY A 118 -11.22 -8.62 4.54
CA GLY A 118 -11.66 -7.63 5.54
C GLY A 118 -10.90 -7.69 6.87
N LEU A 119 -10.06 -8.70 7.13
CA LEU A 119 -9.22 -8.70 8.33
C LEU A 119 -8.10 -7.62 8.19
N GLU A 120 -7.40 -7.35 9.29
CA GLU A 120 -6.14 -6.56 9.32
C GLU A 120 -5.07 -7.42 8.64
N TRP A 121 -4.17 -6.78 7.89
CA TRP A 121 -3.03 -7.50 7.28
C TRP A 121 -1.78 -6.63 7.21
N THR A 122 -0.66 -7.33 7.11
CA THR A 122 0.67 -6.81 6.74
C THR A 122 1.31 -7.87 5.84
N HIS A 123 1.90 -7.43 4.72
CA HIS A 123 2.72 -8.27 3.83
C HIS A 123 4.18 -8.03 4.17
N VAL A 124 4.88 -9.09 4.44
CA VAL A 124 6.35 -9.06 4.61
C VAL A 124 6.98 -9.56 3.32
N ARG A 125 7.64 -8.69 2.56
CA ARG A 125 8.15 -9.00 1.20
C ARG A 125 9.67 -9.03 1.23
N PRO A 126 10.28 -10.12 1.72
CA PRO A 126 11.71 -10.25 1.69
C PRO A 126 12.20 -10.25 0.25
N GLY A 127 13.36 -9.64 0.05
CA GLY A 127 14.14 -9.84 -1.17
C GLY A 127 14.90 -11.16 -1.10
N GLU A 128 16.05 -11.23 -1.77
CA GLU A 128 16.91 -12.44 -1.82
C GLU A 128 17.32 -12.85 -0.42
N PHE A 129 16.97 -14.05 0.00
CA PHE A 129 17.44 -14.65 1.27
C PHE A 129 18.94 -14.91 1.22
N ALA A 130 19.63 -14.47 2.26
CA ALA A 130 21.02 -14.89 2.58
C ALA A 130 21.10 -16.41 2.62
N MET A 131 20.04 -17.08 3.10
CA MET A 131 19.99 -18.58 3.19
C MET A 131 20.27 -19.20 1.82
N ASN A 132 19.88 -18.53 0.73
CA ASN A 132 20.13 -19.03 -0.64
C ASN A 132 21.62 -19.39 -0.76
N LYS A 133 22.52 -18.74 -0.02
CA LYS A 133 23.98 -18.92 -0.19
C LYS A 133 24.43 -20.18 0.55
N LEU A 134 23.77 -20.54 1.65
CA LEU A 134 23.99 -21.86 2.29
C LEU A 134 23.49 -22.97 1.34
N ALA A 135 22.29 -22.78 0.78
CA ALA A 135 21.68 -23.77 -0.14
C ALA A 135 22.60 -23.97 -1.34
N LEU A 136 23.07 -22.90 -1.95
CA LEU A 136 23.80 -23.02 -3.23
C LEU A 136 25.27 -23.40 -2.95
N TRP A 137 25.93 -22.82 -1.94
CA TRP A 137 27.41 -22.94 -1.79
C TRP A 137 27.79 -23.87 -0.66
N GLY A 138 26.85 -24.22 0.22
CA GLY A 138 27.09 -25.16 1.33
C GLY A 138 27.73 -26.47 0.86
N PRO A 139 27.04 -27.24 0.00
CA PRO A 139 27.58 -28.51 -0.47
C PRO A 139 29.04 -28.44 -0.93
N PRO A 140 29.44 -27.56 -1.90
CA PRO A 140 30.82 -27.51 -2.38
C PRO A 140 31.78 -26.93 -1.35
N ILE A 141 31.33 -26.01 -0.50
CA ILE A 141 32.22 -25.46 0.56
C ILE A 141 32.50 -26.59 1.55
N ARG A 142 31.47 -27.38 1.85
CA ARG A 142 31.58 -28.50 2.81
C ARG A 142 32.42 -29.61 2.20
N ALA A 143 32.28 -29.85 0.89
CA ALA A 143 33.06 -30.88 0.16
C ALA A 143 34.52 -30.44 0.06
N GLU A 144 34.82 -29.29 -0.54
CA GLU A 144 36.18 -28.94 -1.01
C GLU A 144 36.62 -27.52 -0.66
N ARG A 145 35.92 -26.82 0.24
CA ARG A 145 36.26 -25.41 0.55
C ARG A 145 36.50 -24.68 -0.76
N VAL A 146 35.63 -24.90 -1.76
CA VAL A 146 35.67 -24.18 -3.06
C VAL A 146 34.26 -23.72 -3.41
N VAL A 147 34.15 -22.62 -4.15
CA VAL A 147 32.88 -22.19 -4.77
C VAL A 147 33.11 -21.97 -6.27
N ARG A 148 32.22 -22.54 -7.08
CA ARG A 148 32.24 -22.38 -8.55
C ARG A 148 31.15 -21.38 -8.91
N GLU A 149 31.56 -20.27 -9.52
CA GLU A 149 30.69 -19.09 -9.74
C GLU A 149 30.93 -18.53 -11.14
N PRO A 150 29.85 -18.46 -11.95
CA PRO A 150 29.94 -17.83 -13.28
C PRO A 150 29.89 -16.28 -13.26
N ALA A 151 29.40 -15.69 -12.18
CA ALA A 151 29.13 -14.23 -12.09
C ALA A 151 29.69 -13.71 -10.77
N PRO A 152 31.03 -13.74 -10.61
CA PRO A 152 31.64 -13.37 -9.32
C PRO A 152 31.50 -11.87 -9.02
N ASP A 153 31.43 -11.07 -10.09
CA ASP A 153 31.34 -9.58 -10.03
C ASP A 153 29.87 -9.15 -10.03
N ALA A 154 28.92 -10.08 -10.14
CA ALA A 154 27.47 -9.81 -9.94
C ALA A 154 27.12 -9.90 -8.45
N GLY A 155 25.90 -9.49 -8.08
CA GLY A 155 25.37 -9.61 -6.71
C GLY A 155 24.12 -8.78 -6.50
N TRP A 156 23.55 -8.84 -5.31
CA TRP A 156 22.35 -8.07 -4.92
C TRP A 156 22.48 -7.67 -3.43
N PHE A 157 21.35 -7.55 -2.72
CA PHE A 157 21.24 -7.14 -1.30
C PHE A 157 20.65 -8.25 -0.45
N PRO A 158 21.35 -9.39 -0.24
CA PRO A 158 20.82 -10.52 0.52
C PRO A 158 20.36 -10.14 1.93
N VAL A 159 19.27 -10.73 2.39
CA VAL A 159 18.63 -10.34 3.66
C VAL A 159 18.73 -11.51 4.63
N HIS A 160 19.05 -11.17 5.87
CA HIS A 160 19.11 -12.11 7.00
C HIS A 160 17.67 -12.49 7.37
N GLU A 161 17.44 -13.78 7.53
CA GLU A 161 16.09 -14.31 7.86
C GLU A 161 15.62 -13.73 9.20
N GLN A 162 16.50 -13.34 10.10
CA GLN A 162 16.02 -12.85 11.43
CA GLN A 162 16.05 -12.84 11.43
C GLN A 162 15.45 -11.45 11.27
N ASP A 163 15.89 -10.71 10.25
CA ASP A 163 15.32 -9.38 9.92
C ASP A 163 13.87 -9.61 9.50
N ILE A 164 13.62 -10.66 8.71
CA ILE A 164 12.26 -11.01 8.22
C ILE A 164 11.40 -11.40 9.42
N ALA A 165 11.92 -12.24 10.29
CA ALA A 165 11.15 -12.70 11.47
C ALA A 165 10.86 -11.49 12.38
N ASP A 166 11.84 -10.60 12.60
CA ASP A 166 11.70 -9.37 13.43
C ASP A 166 10.49 -8.59 12.91
N VAL A 167 10.40 -8.41 11.61
CA VAL A 167 9.31 -7.59 11.03
C VAL A 167 7.97 -8.31 11.20
N ALA A 168 7.94 -9.59 10.95
CA ALA A 168 6.72 -10.41 11.07
C ALA A 168 6.18 -10.32 12.49
N VAL A 169 7.07 -10.48 13.46
CA VAL A 169 6.72 -10.47 14.90
C VAL A 169 6.09 -9.14 15.28
N LEU A 170 6.63 -8.04 14.80
CA LEU A 170 6.07 -6.70 15.10
C LEU A 170 4.70 -6.57 14.42
N ALA A 171 4.56 -7.08 13.21
CA ALA A 171 3.31 -6.93 12.45
C ALA A 171 2.23 -7.73 13.16
N LEU A 172 2.59 -8.88 13.71
CA LEU A 172 1.65 -9.78 14.42
C LEU A 172 1.24 -9.18 15.75
N THR A 173 2.02 -8.26 16.32
CA THR A 173 1.81 -7.89 17.74
C THR A 173 1.69 -6.39 18.01
N GLU A 174 1.91 -5.46 17.10
CA GLU A 174 1.73 -4.04 17.50
C GLU A 174 0.88 -3.34 16.44
N GLU A 175 0.35 -2.18 16.81
CA GLU A 175 -0.44 -1.32 15.89
C GLU A 175 0.50 -0.57 14.95
N GLY A 176 -0.06 -0.10 13.85
CA GLY A 176 0.59 0.79 12.88
C GLY A 176 1.12 0.05 11.68
N HIS A 177 0.88 -1.27 11.56
CA HIS A 177 1.38 -2.06 10.41
C HIS A 177 0.23 -2.47 9.48
N ALA A 178 -1.02 -2.20 9.85
CA ALA A 178 -2.20 -2.61 9.06
C ALA A 178 -2.06 -1.99 7.66
N GLY A 179 -2.13 -2.79 6.60
CA GLY A 179 -2.24 -2.27 5.23
C GLY A 179 -0.90 -1.86 4.67
N GLN A 180 0.15 -2.31 5.32
CA GLN A 180 1.55 -2.05 4.89
C GLN A 180 2.03 -3.32 4.20
N ALA A 181 2.81 -3.13 3.16
CA ALA A 181 3.64 -4.18 2.58
C ALA A 181 5.09 -3.72 2.75
N TYR A 182 5.86 -4.40 3.60
CA TYR A 182 7.26 -4.01 3.87
C TYR A 182 8.23 -4.81 3.02
N THR A 183 8.87 -4.18 2.07
CA THR A 183 9.91 -4.86 1.27
C THR A 183 11.22 -4.88 2.05
N LEU A 184 11.86 -6.06 2.17
CA LEU A 184 13.03 -6.27 3.06
C LEU A 184 14.27 -6.67 2.29
N ASN A 185 15.18 -5.74 2.08
CA ASN A 185 16.51 -6.05 1.52
C ASN A 185 17.53 -6.09 2.65
N GLY A 186 18.65 -6.75 2.41
CA GLY A 186 19.87 -6.54 3.21
C GLY A 186 20.43 -5.13 3.03
N PRO A 187 21.29 -4.68 3.96
CA PRO A 187 21.78 -3.31 3.99
C PRO A 187 22.85 -2.94 2.96
N GLU A 188 23.44 -3.91 2.30
CA GLU A 188 24.52 -3.58 1.33
C GLU A 188 24.37 -4.39 0.06
N LEU A 189 24.77 -3.78 -1.04
CA LEU A 189 24.98 -4.51 -2.30
C LEU A 189 26.31 -5.26 -2.18
N LEU A 190 26.32 -6.54 -2.43
CA LEU A 190 27.58 -7.31 -2.36
C LEU A 190 27.71 -8.17 -3.62
N THR A 191 28.92 -8.27 -4.15
CA THR A 191 29.28 -9.26 -5.18
C THR A 191 29.26 -10.65 -4.54
N HIS A 192 29.06 -11.68 -5.38
CA HIS A 192 29.15 -13.11 -5.00
C HIS A 192 30.55 -13.36 -4.45
N ARG A 193 31.56 -12.76 -5.09
CA ARG A 193 32.98 -12.90 -4.69
C ARG A 193 33.17 -12.39 -3.25
N ARG A 194 32.59 -11.23 -2.96
CA ARG A 194 32.62 -10.64 -1.60
C ARG A 194 31.81 -11.55 -0.64
N GLN A 195 30.69 -12.09 -1.10
CA GLN A 195 29.84 -12.97 -0.26
C GLN A 195 30.66 -14.22 0.11
N VAL A 196 31.51 -14.68 -0.79
CA VAL A 196 32.30 -15.91 -0.50
C VAL A 196 33.39 -15.54 0.52
N GLU A 197 33.98 -14.35 0.37
CA GLU A 197 35.00 -13.84 1.34
C GLU A 197 34.39 -13.82 2.75
N LEU A 198 33.16 -13.32 2.91
CA LEU A 198 32.57 -13.11 4.25
C LEU A 198 32.26 -14.45 4.88
N ILE A 199 32.05 -15.47 4.06
CA ILE A 199 31.83 -16.84 4.58
C ILE A 199 33.19 -17.35 5.03
N ALA A 200 34.22 -17.21 4.19
CA ALA A 200 35.62 -17.52 4.56
C ALA A 200 35.94 -16.84 5.89
N ASP A 201 35.63 -15.56 6.05
CA ASP A 201 35.87 -14.84 7.33
C ASP A 201 35.15 -15.54 8.48
N ALA A 202 33.84 -15.76 8.36
CA ALA A 202 32.98 -16.35 9.42
C ALA A 202 33.54 -17.71 9.86
N MET A 203 34.00 -18.52 8.90
CA MET A 203 34.52 -19.87 9.15
C MET A 203 35.94 -19.81 9.72
N GLY A 204 36.68 -18.75 9.42
CA GLY A 204 38.12 -18.64 9.73
C GLY A 204 38.90 -19.64 8.91
N GLU A 205 38.54 -19.81 7.65
CA GLU A 205 39.13 -20.80 6.71
C GLU A 205 39.22 -20.16 5.32
N GLU A 206 40.17 -20.60 4.52
CA GLU A 206 40.27 -20.16 3.10
C GLU A 206 39.16 -20.88 2.34
N ILE A 207 38.56 -20.18 1.39
CA ILE A 207 37.69 -20.77 0.33
C ILE A 207 38.23 -20.25 -1.00
N ARG A 208 38.56 -21.15 -1.93
CA ARG A 208 38.99 -20.76 -3.29
C ARG A 208 37.72 -20.52 -4.10
N LEU A 209 37.68 -19.40 -4.81
CA LEU A 209 36.59 -19.12 -5.76
C LEU A 209 37.11 -19.52 -7.14
N GLU A 210 36.45 -20.46 -7.81
CA GLU A 210 36.81 -20.81 -9.18
C GLU A 210 35.80 -20.14 -10.10
N VAL A 211 36.26 -19.18 -10.89
CA VAL A 211 35.40 -18.51 -11.89
C VAL A 211 35.20 -19.45 -13.05
N VAL A 212 34.00 -19.95 -13.23
CA VAL A 212 33.71 -20.90 -14.34
C VAL A 212 32.83 -20.20 -15.36
N THR A 213 32.39 -20.96 -16.35
CA THR A 213 31.42 -20.55 -17.39
C THR A 213 30.00 -20.85 -16.90
N PRO A 214 29.00 -20.14 -17.43
CA PRO A 214 27.60 -20.42 -17.10
C PRO A 214 27.22 -21.86 -17.44
N GLN A 215 27.78 -22.43 -18.52
CA GLN A 215 27.40 -23.80 -18.98
C GLN A 215 27.95 -24.80 -17.96
N GLN A 216 29.28 -24.76 -17.77
CA GLN A 216 30.00 -25.50 -16.69
C GLN A 216 29.20 -25.40 -15.40
N ALA A 217 28.78 -24.17 -15.06
CA ALA A 217 28.03 -23.83 -13.84
C ALA A 217 26.77 -24.68 -13.76
N ARG A 218 25.92 -24.62 -14.78
CA ARG A 218 24.59 -25.28 -14.74
C ARG A 218 24.80 -26.80 -14.63
N GLU A 219 25.85 -27.37 -15.22
CA GLU A 219 26.07 -28.84 -15.10
C GLU A 219 26.31 -29.11 -13.61
N ILE A 220 27.25 -28.36 -13.02
CA ILE A 220 27.59 -28.45 -11.57
C ILE A 220 26.32 -28.28 -10.73
N TYR A 221 25.45 -27.34 -11.08
CA TYR A 221 24.23 -27.05 -10.29
C TYR A 221 23.30 -28.25 -10.44
N LEU A 222 23.25 -28.85 -11.63
CA LEU A 222 22.36 -30.00 -11.89
C LEU A 222 22.90 -31.26 -11.19
N ALA A 223 24.22 -31.45 -11.19
CA ALA A 223 24.92 -32.51 -10.41
C ALA A 223 24.58 -32.37 -8.93
N GLN A 224 24.70 -31.15 -8.36
CA GLN A 224 24.53 -30.85 -6.91
C GLN A 224 23.09 -31.13 -6.44
N GLY A 225 22.09 -31.07 -7.31
CA GLY A 225 20.67 -31.27 -6.93
C GLY A 225 20.15 -30.18 -6.01
N GLY A 226 19.03 -30.45 -5.32
CA GLY A 226 18.42 -29.57 -4.32
C GLY A 226 18.19 -28.18 -4.88
N PHE A 227 18.46 -27.15 -4.09
CA PHE A 227 18.13 -25.74 -4.44
C PHE A 227 18.82 -25.36 -5.75
N ALA A 228 20.07 -25.76 -5.93
CA ALA A 228 20.93 -25.34 -7.06
C ALA A 228 20.39 -25.86 -8.38
N ALA A 229 19.92 -27.12 -8.41
CA ALA A 229 19.29 -27.74 -9.61
C ALA A 229 17.87 -27.18 -9.83
N GLU A 230 17.03 -27.17 -8.78
CA GLU A 230 15.60 -26.80 -8.87
C GLU A 230 15.41 -25.39 -9.43
N ASN A 231 16.41 -24.50 -9.33
CA ASN A 231 16.29 -23.07 -9.71
C ASN A 231 17.40 -22.69 -10.70
N VAL A 232 18.20 -23.64 -11.16
CA VAL A 232 19.42 -23.37 -11.99
C VAL A 232 19.08 -22.43 -13.15
N ASP A 233 17.95 -22.58 -13.82
CA ASP A 233 17.62 -21.80 -15.06
C ASP A 233 17.49 -20.31 -14.70
N PHE A 234 16.75 -20.04 -13.62
CA PHE A 234 16.44 -18.68 -13.11
C PHE A 234 17.71 -18.04 -12.55
N LEU A 235 18.58 -18.84 -11.90
CA LEU A 235 19.83 -18.36 -11.25
C LEU A 235 20.89 -17.95 -12.27
N LEU A 236 20.93 -18.53 -13.47
CA LEU A 236 22.01 -18.21 -14.45
C LEU A 236 21.46 -17.33 -15.59
N GLY A 237 20.18 -16.94 -15.51
CA GLY A 237 19.52 -16.05 -16.50
C GLY A 237 19.29 -16.76 -17.83
N PHE A 238 19.00 -18.06 -17.81
CA PHE A 238 18.62 -18.87 -19.01
C PHE A 238 17.11 -18.72 -19.19
N GLU A 239 16.36 -18.69 -18.09
CA GLU A 239 14.95 -18.23 -18.08
C GLU A 239 14.85 -16.96 -17.24
N ASP A 240 13.90 -16.09 -17.57
CA ASP A 240 13.73 -14.76 -16.91
C ASP A 240 12.71 -14.91 -15.78
N TYR A 241 13.07 -14.36 -14.62
CA TYR A 241 12.20 -14.23 -13.43
C TYR A 241 11.22 -13.08 -13.66
N GLY A 242 11.58 -12.13 -14.54
CA GLY A 242 10.82 -10.90 -14.86
C GLY A 242 11.79 -9.77 -15.16
N SER A 261 23.31 2.74 -10.05
CA SER A 261 22.18 3.63 -10.39
C SER A 261 20.88 3.05 -9.87
N LEU A 262 20.84 2.53 -8.66
CA LEU A 262 19.76 1.58 -8.32
C LEU A 262 18.52 2.27 -7.75
N GLY A 263 17.44 1.50 -7.68
CA GLY A 263 16.17 1.86 -7.01
C GLY A 263 16.38 2.00 -5.51
N PRO A 264 15.43 2.66 -4.81
CA PRO A 264 15.61 2.99 -3.38
C PRO A 264 15.45 1.67 -2.61
N MET A 265 16.44 1.21 -1.83
CA MET A 265 16.37 -0.22 -1.38
C MET A 265 15.96 -0.33 0.10
N PRO A 266 14.68 -0.65 0.40
CA PRO A 266 14.23 -0.67 1.79
C PRO A 266 14.73 -1.90 2.54
N THR A 267 14.81 -1.74 3.86
CA THR A 267 15.30 -2.74 4.84
C THR A 267 14.35 -2.76 6.04
N ALA A 268 14.57 -3.72 6.92
CA ALA A 268 13.79 -3.92 8.17
C ALA A 268 13.90 -2.69 9.09
N GLU A 269 14.97 -1.90 8.96
CA GLU A 269 15.18 -0.68 9.76
C GLU A 269 13.89 0.16 9.75
N ALA A 270 13.19 0.18 8.60
CA ALA A 270 11.98 1.00 8.41
C ALA A 270 10.93 0.53 9.40
N VAL A 271 10.97 -0.72 9.84
CA VAL A 271 9.94 -1.28 10.76
C VAL A 271 10.48 -1.40 12.17
N THR A 272 11.70 -1.93 12.34
CA THR A 272 12.30 -2.34 13.65
C THR A 272 12.90 -1.14 14.38
N GLY A 273 13.37 -0.14 13.65
CA GLY A 273 14.05 1.04 14.22
C GLY A 273 15.52 0.77 14.43
N ARG A 274 15.96 -0.44 14.08
CA ARG A 274 17.36 -0.93 14.21
C ARG A 274 17.93 -1.26 12.85
N PRO A 275 19.24 -1.09 12.66
CA PRO A 275 19.88 -1.37 11.37
C PRO A 275 19.73 -2.84 10.99
N ALA A 276 19.48 -3.08 9.70
CA ALA A 276 19.38 -4.41 9.09
C ALA A 276 20.68 -5.18 9.38
N ARG A 277 20.55 -6.47 9.62
CA ARG A 277 21.71 -7.34 9.89
C ARG A 277 22.48 -7.49 8.59
N THR A 278 23.80 -7.54 8.69
CA THR A 278 24.72 -7.63 7.53
C THR A 278 24.85 -9.10 7.10
N PHE A 279 25.26 -9.31 5.87
CA PHE A 279 25.64 -10.64 5.35
C PHE A 279 26.83 -11.19 6.17
N ALA A 280 27.74 -10.33 6.63
CA ALA A 280 28.85 -10.73 7.52
C ALA A 280 28.29 -11.39 8.78
N GLN A 281 27.32 -10.74 9.42
CA GLN A 281 26.63 -11.22 10.65
C GLN A 281 25.94 -12.56 10.33
N TRP A 282 25.27 -12.63 9.18
CA TRP A 282 24.53 -13.84 8.73
C TRP A 282 25.52 -15.00 8.61
N ALA A 283 26.65 -14.76 7.97
CA ALA A 283 27.71 -15.77 7.77
C ALA A 283 28.17 -16.31 9.14
N ARG A 284 28.40 -15.44 10.11
CA ARG A 284 28.82 -15.85 11.47
C ARG A 284 27.71 -16.71 12.12
N ASP A 285 26.46 -16.30 12.02
CA ASP A 285 25.31 -17.06 12.57
C ASP A 285 25.26 -18.46 11.94
N HIS A 286 25.80 -18.69 10.75
CA HIS A 286 25.60 -19.98 10.02
C HIS A 286 26.94 -20.65 9.70
N ALA A 287 28.05 -20.15 10.24
CA ALA A 287 29.41 -20.62 9.93
C ALA A 287 29.48 -22.15 10.04
N ASP A 288 28.90 -22.74 11.10
CA ASP A 288 29.07 -24.18 11.43
C ASP A 288 28.37 -25.02 10.38
N GLU A 289 27.30 -24.50 9.76
CA GLU A 289 26.55 -25.23 8.72
C GLU A 289 27.38 -25.31 7.44
N PHE A 290 28.41 -24.49 7.29
CA PHE A 290 29.35 -24.60 6.16
C PHE A 290 30.53 -25.52 6.48
N ARG A 291 30.70 -25.97 7.73
CA ARG A 291 31.83 -26.86 8.07
C ARG A 291 31.47 -28.28 7.65
N ALA A 292 32.49 -28.98 7.14
CA ALA A 292 32.47 -30.24 6.35
C ALA A 292 31.47 -31.24 6.96
N SER B 1 -24.95 2.17 10.34
CA SER B 1 -23.63 2.56 10.84
C SER B 1 -23.66 4.08 11.06
N THR B 2 -23.02 4.56 12.14
CA THR B 2 -22.89 6.02 12.40
C THR B 2 -21.63 6.53 11.71
N ILE B 3 -21.79 7.46 10.79
CA ILE B 3 -20.68 7.93 9.91
C ILE B 3 -20.68 9.44 9.92
N LEU B 4 -19.56 10.02 10.32
CA LEU B 4 -19.31 11.48 10.31
C LEU B 4 -18.56 11.78 9.03
N VAL B 5 -19.16 12.64 8.20
CA VAL B 5 -18.49 13.18 7.00
C VAL B 5 -18.03 14.60 7.27
N THR B 6 -16.72 14.74 7.34
CA THR B 6 -16.04 16.06 7.26
C THR B 6 -15.87 16.34 5.78
N GLY B 7 -15.80 17.59 5.40
CA GLY B 7 -15.81 17.97 3.98
C GLY B 7 -17.21 17.85 3.41
N ALA B 8 -18.23 17.83 4.30
CA ALA B 8 -19.63 17.48 3.99
C ALA B 8 -20.30 18.48 3.03
N THR B 9 -19.91 19.76 3.05
CA THR B 9 -20.48 20.78 2.14
C THR B 9 -19.65 20.87 0.86
N GLY B 10 -18.56 20.14 0.74
CA GLY B 10 -17.68 20.22 -0.43
C GLY B 10 -18.13 19.38 -1.63
N ASN B 11 -17.43 19.58 -2.74
CA ASN B 11 -17.73 18.91 -4.02
C ASN B 11 -17.82 17.42 -3.78
N VAL B 12 -16.90 16.85 -3.02
CA VAL B 12 -16.84 15.38 -2.81
C VAL B 12 -17.80 15.01 -1.69
N GLY B 13 -17.69 15.72 -0.57
CA GLY B 13 -18.51 15.46 0.63
C GLY B 13 -20.01 15.55 0.41
N ARG B 14 -20.54 16.54 -0.35
CA ARG B 14 -22.00 16.65 -0.60
CA ARG B 14 -21.99 16.66 -0.64
C ARG B 14 -22.49 15.29 -1.12
N ASN B 15 -21.77 14.67 -2.04
CA ASN B 15 -22.18 13.39 -2.67
C ASN B 15 -22.08 12.24 -1.66
N VAL B 16 -20.94 12.16 -0.96
CA VAL B 16 -20.71 11.12 0.08
C VAL B 16 -21.91 11.14 1.03
N VAL B 17 -22.25 12.30 1.56
CA VAL B 17 -23.38 12.42 2.53
C VAL B 17 -24.66 11.89 1.88
N ARG B 18 -24.97 12.36 0.68
CA ARG B 18 -26.26 12.03 0.02
C ARG B 18 -26.34 10.49 -0.11
N GLN B 19 -25.24 9.85 -0.49
CA GLN B 19 -25.20 8.40 -0.80
C GLN B 19 -25.26 7.56 0.48
N LEU B 20 -24.61 7.99 1.55
CA LEU B 20 -24.71 7.24 2.82
C LEU B 20 -26.12 7.37 3.34
N ALA B 21 -26.76 8.52 3.09
CA ALA B 21 -28.11 8.74 3.64
C ALA B 21 -29.06 7.81 2.87
N GLU B 22 -28.85 7.61 1.57
CA GLU B 22 -29.78 6.78 0.77
C GLU B 22 -29.63 5.33 1.26
N ARG B 23 -28.44 4.95 1.71
CA ARG B 23 -28.17 3.57 2.19
CA ARG B 23 -28.17 3.57 2.19
C ARG B 23 -28.82 3.41 3.57
N GLY B 24 -29.40 4.48 4.12
CA GLY B 24 -30.01 4.48 5.46
C GLY B 24 -28.98 4.34 6.59
N HIS B 25 -27.75 4.80 6.41
CA HIS B 25 -26.79 4.98 7.52
C HIS B 25 -27.18 6.18 8.41
N ASP B 26 -26.72 6.19 9.66
CA ASP B 26 -26.90 7.34 10.60
C ASP B 26 -25.79 8.35 10.28
N VAL B 27 -26.08 9.38 9.49
CA VAL B 27 -25.03 10.23 8.86
C VAL B 27 -24.98 11.61 9.56
N ARG B 28 -23.77 12.12 9.70
CA ARG B 28 -23.50 13.42 10.34
C ARG B 28 -22.59 14.19 9.40
N ALA B 29 -22.87 15.48 9.26
CA ALA B 29 -22.17 16.37 8.34
C ALA B 29 -21.51 17.47 9.16
N LEU B 30 -20.17 17.50 9.18
CA LEU B 30 -19.38 18.53 9.86
C LEU B 30 -19.24 19.75 8.94
N THR B 31 -19.54 20.92 9.48
CA THR B 31 -19.23 22.23 8.86
C THR B 31 -18.82 23.23 9.96
N ARG B 32 -18.03 24.21 9.60
CA ARG B 32 -17.63 25.32 10.51
C ARG B 32 -18.85 26.16 10.85
N ARG B 33 -19.85 26.25 9.98
CA ARG B 33 -21.00 27.15 10.17
C ARG B 33 -22.24 26.43 9.65
N ALA B 34 -23.01 25.82 10.56
CA ALA B 34 -24.30 25.13 10.25
C ALA B 34 -25.28 26.13 9.62
N ARG B 35 -25.57 25.97 8.33
CA ARG B 35 -26.51 26.81 7.55
C ARG B 35 -27.69 25.95 7.12
N PRO B 36 -28.77 26.55 6.56
CA PRO B 36 -29.81 25.75 5.89
C PRO B 36 -29.26 25.06 4.64
N GLY B 37 -29.52 23.76 4.48
CA GLY B 37 -29.20 23.01 3.24
C GLY B 37 -27.72 22.69 3.10
N ALA B 38 -26.98 22.77 4.20
CA ALA B 38 -25.65 22.12 4.38
C ALA B 38 -25.78 20.61 4.12
N ALA B 39 -26.92 20.02 4.49
CA ALA B 39 -27.21 18.56 4.46
C ALA B 39 -28.68 18.31 4.14
N PRO B 40 -28.99 17.13 3.55
CA PRO B 40 -30.36 16.64 3.44
C PRO B 40 -31.09 16.48 4.78
N GLU B 41 -32.42 16.48 4.71
CA GLU B 41 -33.32 16.14 5.84
C GLU B 41 -32.85 14.81 6.42
N GLY B 42 -32.63 14.78 7.74
CA GLY B 42 -32.40 13.53 8.48
C GLY B 42 -30.93 13.25 8.70
N VAL B 43 -30.05 13.98 8.00
CA VAL B 43 -28.58 14.06 8.27
C VAL B 43 -28.35 15.09 9.37
N ARG B 44 -27.62 14.71 10.42
CA ARG B 44 -27.33 15.61 11.57
C ARG B 44 -26.17 16.52 11.17
N VAL B 45 -26.41 17.83 11.20
CA VAL B 45 -25.33 18.84 10.99
C VAL B 45 -24.64 19.09 12.33
N GLN B 46 -23.34 18.87 12.35
CA GLN B 46 -22.48 19.17 13.52
C GLN B 46 -21.60 20.35 13.14
N GLU B 47 -21.62 21.34 14.00
CA GLU B 47 -20.72 22.50 13.86
C GLU B 47 -19.37 22.15 14.50
N GLY B 48 -18.27 22.47 13.81
CA GLY B 48 -16.89 22.20 14.30
C GLY B 48 -15.82 22.56 13.29
N ASP B 49 -14.59 22.72 13.76
CA ASP B 49 -13.43 23.13 12.94
C ASP B 49 -12.29 22.11 13.15
N LEU B 50 -11.76 21.59 12.06
CA LEU B 50 -10.66 20.60 12.01
C LEU B 50 -9.38 21.18 12.61
N THR B 51 -9.19 22.50 12.52
CA THR B 51 -8.00 23.22 13.04
C THR B 51 -8.14 23.47 14.55
N HIS B 52 -9.31 23.19 15.15
CA HIS B 52 -9.62 23.32 16.60
C HIS B 52 -10.29 22.04 17.09
N PRO B 53 -9.51 20.94 17.19
CA PRO B 53 -10.08 19.62 17.45
C PRO B 53 -10.96 19.45 18.70
N LYS B 54 -10.81 20.26 19.72
CA LYS B 54 -11.74 20.20 20.88
C LYS B 54 -13.18 20.44 20.42
N THR B 55 -13.42 21.13 19.30
CA THR B 55 -14.77 21.43 18.79
C THR B 55 -15.47 20.18 18.23
N LEU B 56 -14.73 19.08 18.06
CA LEU B 56 -15.19 17.85 17.38
C LEU B 56 -15.72 16.78 18.34
N LYS B 57 -15.63 17.01 19.64
CA LYS B 57 -15.91 15.95 20.65
C LYS B 57 -17.33 15.40 20.41
N ASP B 58 -18.35 16.24 20.28
CA ASP B 58 -19.76 15.79 20.13
C ASP B 58 -19.96 15.09 18.79
N ALA B 59 -19.38 15.66 17.73
CA ALA B 59 -19.45 15.17 16.34
C ALA B 59 -18.87 13.76 16.28
N LEU B 60 -17.84 13.43 17.07
CA LEU B 60 -17.19 12.11 17.02
C LEU B 60 -17.87 11.11 17.96
N GLU B 61 -18.75 11.53 18.87
CA GLU B 61 -19.26 10.61 19.92
C GLU B 61 -20.20 9.57 19.29
N GLY B 62 -19.89 8.28 19.49
CA GLY B 62 -20.67 7.12 19.01
C GLY B 62 -20.43 6.82 17.52
N VAL B 63 -19.41 7.39 16.90
CA VAL B 63 -19.20 7.21 15.44
C VAL B 63 -18.43 5.91 15.21
N ASP B 64 -18.76 5.23 14.11
CA ASP B 64 -18.15 3.95 13.66
C ASP B 64 -17.11 4.28 12.60
N ALA B 65 -17.40 5.18 11.68
CA ALA B 65 -16.53 5.43 10.50
C ALA B 65 -16.50 6.93 10.20
N LEU B 66 -15.36 7.40 9.73
CA LEU B 66 -15.10 8.85 9.54
C LEU B 66 -14.57 9.11 8.14
N PHE B 67 -15.17 10.05 7.44
CA PHE B 67 -14.58 10.61 6.21
C PHE B 67 -13.80 11.86 6.58
N LEU B 68 -12.48 11.77 6.41
CA LEU B 68 -11.53 12.78 6.90
C LEU B 68 -11.06 13.67 5.75
N PHE B 69 -11.52 14.91 5.74
CA PHE B 69 -10.98 16.01 4.92
C PHE B 69 -9.60 16.37 5.43
N PRO B 70 -8.60 16.57 4.53
CA PRO B 70 -7.21 16.79 4.96
C PRO B 70 -6.78 18.20 5.43
N VAL B 71 -6.42 18.23 6.72
CA VAL B 71 -5.80 19.35 7.45
C VAL B 71 -4.62 18.77 8.23
N ALA B 72 -3.41 18.88 7.63
CA ALA B 72 -2.17 18.22 8.10
C ALA B 72 -1.76 18.74 9.50
N ALA B 73 -1.99 20.01 9.83
CA ALA B 73 -1.51 20.60 11.09
C ALA B 73 -2.14 19.87 12.28
N THR B 74 -3.38 19.41 12.18
CA THR B 74 -4.10 18.80 13.34
C THR B 74 -4.49 17.33 13.14
N ALA B 75 -4.07 16.72 12.03
CA ALA B 75 -4.52 15.35 11.68
C ALA B 75 -4.24 14.39 12.84
N GLU B 76 -3.08 14.49 13.46
CA GLU B 76 -2.74 13.51 14.54
C GLU B 76 -3.74 13.65 15.70
N GLU B 77 -4.13 14.88 16.00
CA GLU B 77 -4.98 15.17 17.17
C GLU B 77 -6.40 14.70 16.86
N VAL B 78 -6.84 14.92 15.62
CA VAL B 78 -8.20 14.53 15.14
C VAL B 78 -8.29 13.00 15.13
N VAL B 79 -7.25 12.34 14.62
CA VAL B 79 -7.18 10.85 14.59
C VAL B 79 -7.20 10.31 16.02
N GLY B 80 -6.40 10.88 16.91
CA GLY B 80 -6.40 10.43 18.31
C GLY B 80 -7.78 10.55 18.94
N MET B 81 -8.51 11.62 18.60
CA MET B 81 -9.86 11.87 19.15
C MET B 81 -10.85 10.85 18.59
N ALA B 82 -10.72 10.54 17.30
CA ALA B 82 -11.54 9.52 16.61
C ALA B 82 -11.34 8.19 17.33
N LYS B 83 -10.08 7.80 17.51
CA LYS B 83 -9.72 6.54 18.17
C LYS B 83 -10.30 6.54 19.60
N SER B 84 -10.14 7.60 20.37
CA SER B 84 -10.73 7.66 21.74
C SER B 84 -12.22 7.42 21.71
N ALA B 85 -12.93 7.99 20.73
CA ALA B 85 -14.40 7.97 20.64
C ALA B 85 -14.87 6.56 20.19
N GLY B 86 -13.93 5.72 19.73
CA GLY B 86 -14.19 4.31 19.36
C GLY B 86 -14.48 4.14 17.86
N VAL B 87 -14.19 5.16 17.06
CA VAL B 87 -14.19 5.06 15.58
C VAL B 87 -13.29 3.89 15.18
N ARG B 88 -13.74 3.10 14.21
CA ARG B 88 -13.08 1.86 13.75
C ARG B 88 -12.42 2.09 12.38
N ARG B 89 -12.92 3.04 11.61
CA ARG B 89 -12.51 3.16 10.20
C ARG B 89 -12.42 4.64 9.83
N ILE B 90 -11.34 4.97 9.15
CA ILE B 90 -11.14 6.32 8.60
C ILE B 90 -10.83 6.21 7.12
N VAL B 91 -11.58 6.96 6.36
CA VAL B 91 -11.34 7.02 4.91
C VAL B 91 -10.88 8.45 4.68
N VAL B 92 -9.77 8.58 3.98
CA VAL B 92 -9.07 9.87 3.82
C VAL B 92 -9.25 10.43 2.42
N LEU B 93 -9.64 11.69 2.35
CA LEU B 93 -9.56 12.43 1.08
C LEU B 93 -8.14 12.93 0.89
N SER B 94 -7.35 12.24 0.08
CA SER B 94 -5.91 12.49 -0.07
C SER B 94 -5.72 13.00 -1.50
N SER B 95 -4.66 12.58 -2.19
CA SER B 95 -4.27 13.10 -3.50
C SER B 95 -3.34 12.13 -4.25
N GLY B 96 -3.45 12.07 -5.57
CA GLY B 96 -2.59 11.23 -6.42
C GLY B 96 -1.20 11.79 -6.50
N ALA B 97 -1.03 13.05 -6.11
CA ALA B 97 0.31 13.67 -5.93
C ALA B 97 1.08 12.90 -4.84
N VAL B 98 0.43 12.28 -3.87
CA VAL B 98 1.12 11.38 -2.91
C VAL B 98 1.66 10.14 -3.65
N THR B 99 0.84 9.53 -4.52
CA THR B 99 1.23 8.35 -5.33
C THR B 99 2.46 8.69 -6.18
N ALA B 100 2.44 9.85 -6.83
CA ALA B 100 3.49 10.25 -7.79
C ALA B 100 4.76 10.65 -7.02
N GLY B 101 4.67 10.88 -5.68
CA GLY B 101 5.82 11.25 -4.82
C GLY B 101 6.06 12.75 -4.73
N TYR B 102 5.18 13.58 -5.29
CA TYR B 102 5.27 15.07 -5.24
C TYR B 102 4.80 15.57 -3.86
N ASP B 103 3.74 15.02 -3.30
CA ASP B 103 3.20 15.42 -1.98
C ASP B 103 3.82 14.53 -0.91
N THR B 104 4.74 15.08 -0.12
CA THR B 104 5.26 14.39 1.09
C THR B 104 5.02 15.25 2.30
N ASP B 105 4.29 16.35 2.17
CA ASP B 105 4.19 17.32 3.27
C ASP B 105 2.78 17.90 3.38
N PHE B 106 1.79 17.54 2.59
CA PHE B 106 0.43 18.03 2.89
C PHE B 106 -0.54 16.86 3.06
N HIS B 107 -0.74 16.05 2.04
CA HIS B 107 -1.65 14.90 2.15
C HIS B 107 -0.93 13.75 2.85
N LEU B 108 0.34 13.52 2.60
CA LEU B 108 1.00 12.35 3.20
C LEU B 108 0.92 12.42 4.73
N PRO B 109 1.24 13.54 5.41
CA PRO B 109 1.13 13.58 6.87
C PRO B 109 -0.25 13.16 7.42
N VAL B 110 -1.32 13.51 6.73
CA VAL B 110 -2.70 13.08 7.09
C VAL B 110 -2.75 11.54 6.98
N GLU B 111 -2.32 10.97 5.85
CA GLU B 111 -2.29 9.49 5.66
C GLU B 111 -1.48 8.87 6.80
N ARG B 112 -0.34 9.46 7.14
CA ARG B 112 0.62 8.83 8.07
C ARG B 112 -0.01 8.74 9.46
N ALA B 113 -0.79 9.75 9.82
CA ALA B 113 -1.39 9.83 11.15
C ALA B 113 -2.46 8.75 11.23
N VAL B 114 -3.21 8.61 10.16
CA VAL B 114 -4.24 7.56 10.07
C VAL B 114 -3.58 6.18 10.12
N GLU B 115 -2.47 5.98 9.41
CA GLU B 115 -1.80 4.66 9.32
C GLU B 115 -1.25 4.33 10.70
N ALA B 116 -0.86 5.34 11.49
CA ALA B 116 -0.22 5.15 12.80
C ALA B 116 -1.27 4.77 13.85
N SER B 117 -2.57 5.07 13.66
CA SER B 117 -3.63 4.96 14.72
C SER B 117 -3.96 3.50 15.12
N GLY B 118 -3.82 2.53 14.21
CA GLY B 118 -4.29 1.15 14.40
C GLY B 118 -5.71 0.90 13.89
N LEU B 119 -6.42 1.95 13.47
CA LEU B 119 -7.75 1.82 12.85
C LEU B 119 -7.61 1.28 11.41
N GLU B 120 -8.71 0.79 10.89
CA GLU B 120 -8.88 0.49 9.45
C GLU B 120 -8.80 1.81 8.69
N TRP B 121 -8.24 1.76 7.50
CA TRP B 121 -8.18 2.96 6.64
C TRP B 121 -8.23 2.57 5.16
N THR B 122 -8.61 3.58 4.41
CA THR B 122 -8.51 3.68 2.94
C THR B 122 -8.20 5.15 2.62
N HIS B 123 -7.19 5.37 1.80
CA HIS B 123 -6.86 6.66 1.16
C HIS B 123 -7.51 6.72 -0.21
N VAL B 124 -8.33 7.72 -0.41
CA VAL B 124 -8.81 8.06 -1.77
C VAL B 124 -7.90 9.14 -2.36
N ARG B 125 -7.14 8.81 -3.38
CA ARG B 125 -6.12 9.72 -3.95
C ARG B 125 -6.55 10.16 -5.33
N PRO B 126 -7.46 11.13 -5.43
CA PRO B 126 -7.87 11.68 -6.71
C PRO B 126 -6.72 12.43 -7.37
N GLY B 127 -6.64 12.35 -8.69
CA GLY B 127 -5.77 13.20 -9.53
C GLY B 127 -6.42 14.55 -9.78
N GLU B 128 -6.17 15.15 -10.93
CA GLU B 128 -6.69 16.51 -11.24
C GLU B 128 -8.22 16.51 -11.17
N PHE B 129 -8.83 17.36 -10.35
CA PHE B 129 -10.31 17.49 -10.34
C PHE B 129 -10.79 18.14 -11.64
N ALA B 130 -11.85 17.57 -12.22
CA ALA B 130 -12.67 18.21 -13.28
C ALA B 130 -13.20 19.55 -12.76
N MET B 131 -13.58 19.62 -11.49
CA MET B 131 -14.04 20.89 -10.83
C MET B 131 -12.99 22.00 -11.06
N ASN B 132 -11.70 21.70 -11.14
CA ASN B 132 -10.70 22.78 -11.34
C ASN B 132 -11.12 23.60 -12.55
N LYS B 133 -11.80 22.99 -13.53
CA LYS B 133 -12.11 23.67 -14.81
C LYS B 133 -13.29 24.62 -14.59
N LEU B 134 -14.23 24.31 -13.70
CA LEU B 134 -15.32 25.25 -13.30
C LEU B 134 -14.72 26.39 -12.48
N ALA B 135 -13.85 26.06 -11.51
CA ALA B 135 -13.17 27.06 -10.66
C ALA B 135 -12.40 28.05 -11.55
N LEU B 136 -11.56 27.52 -12.44
CA LEU B 136 -10.61 28.28 -13.27
C LEU B 136 -11.33 28.94 -14.46
N TRP B 137 -12.21 28.24 -15.19
CA TRP B 137 -12.74 28.79 -16.46
C TRP B 137 -14.16 29.28 -16.30
N GLY B 138 -14.84 28.90 -15.22
CA GLY B 138 -16.20 29.41 -14.92
C GLY B 138 -16.31 30.91 -15.14
N PRO B 139 -15.55 31.70 -14.36
CA PRO B 139 -15.64 33.17 -14.42
C PRO B 139 -15.61 33.76 -15.83
N PRO B 140 -14.56 33.52 -16.66
CA PRO B 140 -14.51 34.10 -18.00
C PRO B 140 -15.58 33.49 -18.93
N ILE B 141 -15.95 32.23 -18.74
CA ILE B 141 -17.03 31.63 -19.58
C ILE B 141 -18.36 32.29 -19.21
N ARG B 142 -18.62 32.48 -17.92
CA ARG B 142 -19.85 33.16 -17.46
C ARG B 142 -19.84 34.63 -17.88
N ALA B 143 -18.69 35.28 -17.85
CA ALA B 143 -18.62 36.74 -18.11
C ALA B 143 -18.75 37.00 -19.61
N GLU B 144 -18.01 36.29 -20.46
CA GLU B 144 -17.85 36.62 -21.91
C GLU B 144 -17.78 35.39 -22.82
N ARG B 145 -18.14 34.19 -22.36
CA ARG B 145 -18.02 32.95 -23.18
C ARG B 145 -16.64 32.88 -23.83
N VAL B 146 -15.56 33.07 -23.07
CA VAL B 146 -14.17 32.99 -23.61
C VAL B 146 -13.26 32.28 -22.61
N VAL B 147 -12.24 31.59 -23.11
CA VAL B 147 -11.20 30.98 -22.23
C VAL B 147 -9.82 31.42 -22.73
N ARG B 148 -9.02 31.97 -21.81
CA ARG B 148 -7.64 32.41 -22.08
C ARG B 148 -6.73 31.38 -21.44
N GLU B 149 -5.91 30.72 -22.26
CA GLU B 149 -5.18 29.49 -21.88
C GLU B 149 -3.79 29.56 -22.49
N PRO B 150 -2.71 29.44 -21.71
CA PRO B 150 -1.37 29.45 -22.28
C PRO B 150 -0.91 28.11 -22.87
N ALA B 151 -1.51 26.99 -22.46
CA ALA B 151 -1.08 25.63 -22.85
C ALA B 151 -2.28 24.85 -23.38
N PRO B 152 -2.78 25.23 -24.58
CA PRO B 152 -4.02 24.67 -25.10
C PRO B 152 -3.84 23.20 -25.55
N ASP B 153 -2.60 22.87 -25.90
CA ASP B 153 -2.18 21.55 -26.44
C ASP B 153 -1.69 20.66 -25.31
N ALA B 154 -1.61 21.16 -24.08
CA ALA B 154 -1.29 20.37 -22.87
C ALA B 154 -2.59 19.78 -22.32
N GLY B 155 -2.48 18.81 -21.41
CA GLY B 155 -3.65 18.29 -20.67
C GLY B 155 -3.32 17.15 -19.75
N TRP B 156 -4.31 16.68 -19.02
CA TRP B 156 -4.15 15.50 -18.14
C TRP B 156 -5.44 14.66 -18.19
N PHE B 157 -5.76 13.97 -17.11
CA PHE B 157 -6.88 13.05 -16.95
C PHE B 157 -7.85 13.57 -15.91
N PRO B 158 -8.54 14.69 -16.11
CA PRO B 158 -9.44 15.19 -15.09
C PRO B 158 -10.45 14.12 -14.67
N VAL B 159 -10.74 14.07 -13.38
CA VAL B 159 -11.62 13.04 -12.75
C VAL B 159 -12.87 13.72 -12.26
N HIS B 160 -14.01 13.08 -12.46
CA HIS B 160 -15.31 13.51 -11.92
C HIS B 160 -15.36 13.29 -10.42
N GLU B 161 -15.84 14.28 -9.69
CA GLU B 161 -15.91 14.24 -8.21
C GLU B 161 -16.85 13.13 -7.75
N GLN B 162 -17.84 12.73 -8.55
CA GLN B 162 -18.78 11.66 -8.12
CA GLN B 162 -18.79 11.66 -8.15
C GLN B 162 -18.06 10.31 -8.19
N ASP B 163 -17.08 10.17 -9.08
CA ASP B 163 -16.17 8.99 -9.06
C ASP B 163 -15.50 8.95 -7.68
N ILE B 164 -15.04 10.10 -7.16
CA ILE B 164 -14.30 10.21 -5.87
C ILE B 164 -15.25 9.85 -4.71
N ALA B 165 -16.45 10.46 -4.69
CA ALA B 165 -17.52 10.13 -3.73
C ALA B 165 -17.85 8.64 -3.81
N ASP B 166 -18.07 8.14 -5.01
CA ASP B 166 -18.45 6.72 -5.19
C ASP B 166 -17.43 5.85 -4.46
N VAL B 167 -16.15 6.09 -4.69
CA VAL B 167 -15.07 5.25 -4.08
C VAL B 167 -15.08 5.45 -2.56
N ALA B 168 -15.23 6.67 -2.08
CA ALA B 168 -15.22 6.96 -0.63
C ALA B 168 -16.36 6.18 0.05
N VAL B 169 -17.53 6.15 -0.59
CA VAL B 169 -18.76 5.52 -0.03
C VAL B 169 -18.52 4.03 0.09
N LEU B 170 -17.93 3.44 -0.93
CA LEU B 170 -17.60 1.99 -0.89
C LEU B 170 -16.58 1.73 0.24
N ALA B 171 -15.58 2.59 0.40
CA ALA B 171 -14.52 2.38 1.42
C ALA B 171 -15.14 2.55 2.80
N LEU B 172 -16.07 3.49 2.93
CA LEU B 172 -16.76 3.73 4.23
C LEU B 172 -17.68 2.57 4.62
N THR B 173 -18.20 1.78 3.67
CA THR B 173 -19.32 0.86 4.00
C THR B 173 -19.06 -0.58 3.58
N GLU B 174 -17.99 -0.95 2.91
CA GLU B 174 -17.86 -2.39 2.63
C GLU B 174 -16.43 -2.86 2.89
N GLU B 175 -16.29 -4.18 3.03
CA GLU B 175 -15.00 -4.87 3.32
C GLU B 175 -14.13 -4.92 2.05
N GLY B 176 -12.84 -5.16 2.21
CA GLY B 176 -11.92 -5.37 1.09
C GLY B 176 -11.15 -4.13 0.71
N HIS B 177 -11.38 -2.99 1.35
CA HIS B 177 -10.63 -1.75 0.99
C HIS B 177 -9.68 -1.33 2.09
N ALA B 178 -9.58 -2.07 3.18
CA ALA B 178 -8.66 -1.70 4.28
C ALA B 178 -7.22 -1.75 3.78
N GLY B 179 -6.45 -0.69 4.00
CA GLY B 179 -5.02 -0.71 3.69
C GLY B 179 -4.75 -0.44 2.23
N GLN B 180 -5.76 0.04 1.53
CA GLN B 180 -5.67 0.38 0.09
C GLN B 180 -5.59 1.90 -0.02
N ALA B 181 -4.79 2.35 -0.97
CA ALA B 181 -4.75 3.73 -1.43
C ALA B 181 -5.16 3.70 -2.90
N TYR B 182 -6.34 4.19 -3.22
CA TYR B 182 -6.86 4.12 -4.59
C TYR B 182 -6.56 5.43 -5.32
N THR B 183 -5.71 5.40 -6.34
CA THR B 183 -5.47 6.61 -7.15
C THR B 183 -6.55 6.73 -8.23
N LEU B 184 -7.18 7.89 -8.34
CA LEU B 184 -8.38 8.10 -9.20
C LEU B 184 -8.09 9.13 -10.28
N ASN B 185 -7.87 8.69 -11.50
CA ASN B 185 -7.82 9.55 -12.71
C ASN B 185 -9.15 9.40 -13.47
N GLY B 186 -9.42 10.40 -14.30
CA GLY B 186 -10.46 10.34 -15.34
C GLY B 186 -10.03 9.35 -16.41
N PRO B 187 -10.99 8.88 -17.23
CA PRO B 187 -10.74 7.81 -18.16
C PRO B 187 -9.94 8.21 -19.40
N GLU B 188 -9.66 9.48 -19.62
CA GLU B 188 -8.92 9.87 -20.86
C GLU B 188 -8.02 11.09 -20.64
N LEU B 189 -6.90 11.07 -21.35
CA LEU B 189 -6.08 12.26 -21.67
C LEU B 189 -6.85 13.24 -22.58
N LEU B 190 -7.02 14.47 -22.13
CA LEU B 190 -7.66 15.58 -22.86
C LEU B 190 -6.77 16.83 -22.80
N THR B 191 -6.46 17.44 -23.95
CA THR B 191 -5.89 18.79 -24.02
C THR B 191 -6.90 19.78 -23.42
N HIS B 192 -6.38 20.92 -22.95
CA HIS B 192 -7.21 22.04 -22.43
C HIS B 192 -8.19 22.46 -23.52
N ARG B 193 -7.69 22.53 -24.75
CA ARG B 193 -8.49 22.91 -25.94
C ARG B 193 -9.69 21.97 -26.04
N ARG B 194 -9.44 20.66 -25.97
CA ARG B 194 -10.51 19.66 -26.08
C ARG B 194 -11.46 19.85 -24.90
N GLN B 195 -10.93 20.14 -23.71
CA GLN B 195 -11.76 20.32 -22.49
C GLN B 195 -12.71 21.49 -22.70
N VAL B 196 -12.25 22.58 -23.30
CA VAL B 196 -13.10 23.78 -23.58
C VAL B 196 -14.14 23.38 -24.63
N GLU B 197 -13.75 22.63 -25.67
CA GLU B 197 -14.73 22.12 -26.68
C GLU B 197 -15.87 21.38 -25.95
N LEU B 198 -15.53 20.49 -25.03
CA LEU B 198 -16.53 19.63 -24.36
C LEU B 198 -17.46 20.47 -23.47
N ILE B 199 -16.98 21.60 -22.95
CA ILE B 199 -17.82 22.50 -22.13
C ILE B 199 -18.73 23.24 -23.10
N ALA B 200 -18.17 23.78 -24.20
CA ALA B 200 -18.97 24.40 -25.30
C ALA B 200 -20.06 23.42 -25.76
N ASP B 201 -19.72 22.15 -25.97
CA ASP B 201 -20.73 21.13 -26.34
C ASP B 201 -21.78 21.03 -25.23
N ALA B 202 -21.38 20.86 -23.97
CA ALA B 202 -22.34 20.64 -22.87
C ALA B 202 -23.29 21.83 -22.75
N MET B 203 -22.81 23.05 -23.02
CA MET B 203 -23.60 24.29 -22.90
C MET B 203 -24.50 24.49 -24.14
N GLY B 204 -24.10 23.93 -25.28
CA GLY B 204 -24.74 24.19 -26.59
C GLY B 204 -24.55 25.63 -27.01
N GLU B 205 -23.36 26.16 -26.78
CA GLU B 205 -22.99 27.57 -27.01
C GLU B 205 -21.51 27.64 -27.36
N GLU B 206 -21.16 28.51 -28.29
CA GLU B 206 -19.76 28.77 -28.71
C GLU B 206 -19.00 29.32 -27.50
N ILE B 207 -17.78 28.83 -27.32
CA ILE B 207 -16.80 29.44 -26.39
C ILE B 207 -15.53 29.67 -27.19
N ARG B 208 -15.03 30.90 -27.23
CA ARG B 208 -13.76 31.26 -27.92
C ARG B 208 -12.59 30.84 -27.03
N LEU B 209 -11.59 30.18 -27.60
CA LEU B 209 -10.29 29.97 -26.93
C LEU B 209 -9.29 31.00 -27.43
N GLU B 210 -8.82 31.89 -26.54
CA GLU B 210 -7.76 32.88 -26.82
C GLU B 210 -6.46 32.30 -26.24
N VAL B 211 -5.47 32.04 -27.07
CA VAL B 211 -4.19 31.51 -26.55
C VAL B 211 -3.36 32.70 -26.11
N VAL B 212 -2.86 32.68 -24.89
CA VAL B 212 -2.03 33.81 -24.37
C VAL B 212 -0.69 33.25 -23.90
N THR B 213 0.19 34.14 -23.47
CA THR B 213 1.51 33.79 -22.91
C THR B 213 1.34 33.39 -21.45
N PRO B 214 2.27 32.60 -20.90
CA PRO B 214 2.21 32.28 -19.49
C PRO B 214 2.17 33.53 -18.59
N GLN B 215 2.81 34.63 -18.98
CA GLN B 215 2.88 35.86 -18.13
C GLN B 215 1.51 36.56 -18.17
N GLN B 216 0.98 36.80 -19.38
CA GLN B 216 -0.41 37.27 -19.60
C GLN B 216 -1.39 36.42 -18.80
N ALA B 217 -1.20 35.10 -18.82
CA ALA B 217 -2.07 34.16 -18.09
C ALA B 217 -1.99 34.47 -16.59
N ARG B 218 -0.78 34.67 -16.10
CA ARG B 218 -0.51 34.94 -14.66
C ARG B 218 -1.29 36.19 -14.24
N GLU B 219 -1.27 37.23 -15.08
CA GLU B 219 -1.99 38.52 -14.84
C GLU B 219 -3.50 38.24 -14.70
N ILE B 220 -4.09 37.57 -15.70
CA ILE B 220 -5.54 37.20 -15.77
C ILE B 220 -5.93 36.44 -14.50
N TYR B 221 -5.13 35.47 -14.04
CA TYR B 221 -5.52 34.58 -12.91
C TYR B 221 -5.54 35.39 -11.63
N LEU B 222 -4.59 36.32 -11.50
CA LEU B 222 -4.44 37.19 -10.31
C LEU B 222 -5.62 38.18 -10.26
N ALA B 223 -6.01 38.73 -11.43
CA ALA B 223 -7.19 39.60 -11.61
C ALA B 223 -8.47 38.83 -11.23
N GLN B 224 -8.59 37.59 -11.71
CA GLN B 224 -9.76 36.71 -11.47
C GLN B 224 -9.90 36.41 -9.97
N GLY B 225 -8.80 36.30 -9.23
CA GLY B 225 -8.87 35.88 -7.82
C GLY B 225 -9.30 34.44 -7.68
N GLY B 226 -9.91 34.10 -6.54
CA GLY B 226 -10.36 32.75 -6.15
C GLY B 226 -9.30 31.69 -6.31
N PHE B 227 -9.70 30.48 -6.70
CA PHE B 227 -8.82 29.32 -7.03
C PHE B 227 -7.65 29.70 -7.97
N ALA B 228 -7.90 30.52 -8.99
CA ALA B 228 -6.94 30.82 -10.07
C ALA B 228 -5.75 31.60 -9.52
N ALA B 229 -5.98 32.57 -8.63
CA ALA B 229 -4.94 33.45 -8.02
C ALA B 229 -4.20 32.64 -6.96
N GLU B 230 -4.95 31.95 -6.12
CA GLU B 230 -4.48 31.17 -4.95
C GLU B 230 -3.41 30.14 -5.35
N ASN B 231 -3.44 29.66 -6.60
CA ASN B 231 -2.58 28.55 -7.10
C ASN B 231 -1.88 28.98 -8.39
N VAL B 232 -1.89 30.26 -8.75
CA VAL B 232 -1.49 30.69 -10.12
C VAL B 232 -0.09 30.15 -10.46
N ASP B 233 0.83 30.17 -9.51
CA ASP B 233 2.26 29.89 -9.78
C ASP B 233 2.39 28.40 -10.11
N PHE B 234 1.65 27.59 -9.37
CA PHE B 234 1.70 26.11 -9.47
C PHE B 234 1.04 25.67 -10.80
N LEU B 235 -0.06 26.32 -11.20
CA LEU B 235 -0.83 26.01 -12.42
C LEU B 235 -0.07 26.38 -13.71
N LEU B 236 0.84 27.36 -13.69
CA LEU B 236 1.52 27.82 -14.93
C LEU B 236 2.99 27.41 -14.94
N GLY B 237 3.42 26.63 -13.93
CA GLY B 237 4.80 26.12 -13.77
C GLY B 237 5.83 27.22 -13.52
N PHE B 238 5.47 28.26 -12.75
CA PHE B 238 6.39 29.34 -12.31
C PHE B 238 7.08 28.90 -11.01
N GLU B 239 6.36 28.19 -10.15
CA GLU B 239 6.96 27.32 -9.11
C GLU B 239 6.57 25.87 -9.39
N ASP B 240 7.43 24.94 -9.00
CA ASP B 240 7.31 23.51 -9.32
C ASP B 240 6.43 22.81 -8.27
N TYR B 241 5.51 22.01 -8.74
CA TYR B 241 4.70 21.14 -7.85
C TYR B 241 5.55 19.93 -7.48
N GLY B 242 6.46 19.51 -8.36
CA GLY B 242 7.36 18.36 -8.15
C GLY B 242 8.00 17.89 -9.44
N GLY B 243 7.23 17.86 -10.53
CA GLY B 243 7.70 17.53 -11.89
C GLY B 243 7.64 18.74 -12.82
N SER B 261 2.01 7.88 -24.52
CA SER B 261 3.26 7.16 -24.14
C SER B 261 3.47 7.21 -22.61
N LEU B 262 2.40 7.38 -21.83
CA LEU B 262 2.51 7.55 -20.36
C LEU B 262 2.61 6.20 -19.63
N GLY B 263 2.51 6.27 -18.31
CA GLY B 263 2.30 5.13 -17.41
C GLY B 263 0.87 4.57 -17.45
N PRO B 264 0.56 3.66 -16.50
CA PRO B 264 -0.74 2.99 -16.46
C PRO B 264 -1.61 3.91 -15.58
N MET B 265 -2.74 4.44 -16.06
CA MET B 265 -3.45 5.46 -15.23
C MET B 265 -4.70 4.87 -14.54
N PRO B 266 -4.66 4.58 -13.22
CA PRO B 266 -5.81 4.00 -12.56
C PRO B 266 -7.02 4.93 -12.43
N THR B 267 -8.20 4.33 -12.35
CA THR B 267 -9.50 5.01 -12.30
C THR B 267 -10.31 4.33 -11.22
N ALA B 268 -11.44 4.92 -10.90
CA ALA B 268 -12.41 4.38 -9.93
C ALA B 268 -12.99 3.05 -10.41
N GLU B 269 -12.90 2.73 -11.72
CA GLU B 269 -13.39 1.42 -12.28
C GLU B 269 -12.77 0.30 -11.41
N ALA B 270 -11.51 0.46 -11.02
CA ALA B 270 -10.83 -0.54 -10.17
C ALA B 270 -11.60 -0.77 -8.88
N VAL B 271 -12.38 0.16 -8.36
CA VAL B 271 -13.04 -0.05 -7.05
C VAL B 271 -14.54 -0.31 -7.24
N THR B 272 -15.20 0.45 -8.11
CA THR B 272 -16.67 0.46 -8.32
C THR B 272 -17.12 -0.71 -9.20
N GLY B 273 -16.26 -1.19 -10.08
CA GLY B 273 -16.65 -2.13 -11.13
C GLY B 273 -17.36 -1.47 -12.31
N ARG B 274 -17.54 -0.14 -12.30
CA ARG B 274 -18.22 0.64 -13.36
C ARG B 274 -17.19 1.53 -14.04
N PRO B 275 -17.32 1.81 -15.34
CA PRO B 275 -16.38 2.70 -16.04
C PRO B 275 -16.33 4.10 -15.41
N ALA B 276 -15.16 4.74 -15.40
CA ALA B 276 -15.00 6.10 -14.86
C ALA B 276 -15.85 7.08 -15.67
N ARG B 277 -16.34 8.12 -15.02
CA ARG B 277 -17.15 9.14 -15.72
C ARG B 277 -16.23 9.95 -16.61
N THR B 278 -16.69 10.31 -17.78
CA THR B 278 -15.89 11.12 -18.71
C THR B 278 -16.05 12.59 -18.33
N PHE B 279 -15.09 13.39 -18.78
CA PHE B 279 -15.13 14.85 -18.69
C PHE B 279 -16.37 15.39 -19.44
N ALA B 280 -16.77 14.77 -20.54
CA ALA B 280 -17.98 15.18 -21.29
C ALA B 280 -19.21 15.01 -20.38
N GLN B 281 -19.33 13.88 -19.71
CA GLN B 281 -20.43 13.64 -18.74
C GLN B 281 -20.34 14.73 -17.67
N TRP B 282 -19.14 15.02 -17.16
CA TRP B 282 -18.93 16.04 -16.11
C TRP B 282 -19.39 17.42 -16.61
N ALA B 283 -19.01 17.80 -17.82
CA ALA B 283 -19.43 19.09 -18.40
C ALA B 283 -20.95 19.19 -18.44
N ARG B 284 -21.64 18.10 -18.79
CA ARG B 284 -23.11 18.04 -18.89
C ARG B 284 -23.67 18.21 -17.47
N ASP B 285 -23.04 17.55 -16.49
CA ASP B 285 -23.48 17.60 -15.08
C ASP B 285 -23.41 19.05 -14.59
N HIS B 286 -22.49 19.86 -15.11
CA HIS B 286 -22.21 21.21 -14.53
C HIS B 286 -22.50 22.34 -15.52
N ALA B 287 -23.22 22.09 -16.62
CA ALA B 287 -23.36 23.08 -17.70
C ALA B 287 -23.98 24.38 -17.16
N ASP B 288 -24.94 24.29 -16.23
CA ASP B 288 -25.69 25.46 -15.73
C ASP B 288 -24.77 26.39 -14.95
N GLU B 289 -23.78 25.80 -14.27
CA GLU B 289 -22.86 26.55 -13.40
C GLU B 289 -21.95 27.38 -14.31
N PHE B 290 -21.84 27.04 -15.59
CA PHE B 290 -21.10 27.84 -16.58
C PHE B 290 -21.99 28.89 -17.24
N ARG B 291 -23.31 28.80 -17.10
CA ARG B 291 -24.19 29.74 -17.83
C ARG B 291 -24.14 31.07 -17.10
N ALA B 292 -24.68 31.13 -15.89
CA ALA B 292 -24.60 32.32 -15.02
C ALA B 292 -24.75 31.86 -13.56
C1 DM2 C . 16.96 -12.86 -5.83
C2 DM2 C . 16.86 -11.48 -5.90
C3 DM2 C . 15.66 -10.84 -5.60
C4 DM2 C . 14.52 -11.61 -5.28
O4 DM2 C . 13.32 -11.04 -4.99
C5 DM2 C . 14.58 -13.03 -5.21
C6 DM2 C . 13.36 -13.88 -4.88
O6 DM2 C . 12.27 -13.33 -4.70
C7 DM2 C . 13.49 -15.39 -4.76
C8 DM2 C . 12.41 -16.29 -4.38
O8 DM2 C . 11.15 -15.74 -4.13
C9 DM2 C . 12.58 -17.70 -4.30
C10 DM2 C . 11.57 -18.79 -3.86
O10 DM2 C . 10.16 -18.47 -3.94
C11 DM2 C . 11.77 -20.07 -4.65
C12 DM2 C . 13.13 -20.72 -4.41
O12 DM2 C . 13.30 -21.85 -5.32
C13 DM2 C . 13.23 -21.46 -3.06
O13 DM2 C . 14.13 -21.23 -2.29
C14 DM2 C . 12.23 -22.56 -2.75
O14 DM2 C . 11.00 -22.11 -2.22
C15 DM2 C . 14.24 -19.68 -4.54
C16 DM2 C . 13.87 -18.20 -4.59
C17 DM2 C . 14.91 -17.34 -4.96
O17 DM2 C . 16.12 -17.88 -5.23
C18 DM2 C . 14.76 -15.95 -5.06
C19 DM2 C . 15.94 -15.10 -5.47
O19 DM2 C . 17.02 -15.59 -5.79
C20 DM2 C . 15.82 -13.62 -5.49
C21 DM2 C . 13.31 -9.62 -4.74
C1' DM2 C . 9.16 -19.39 -4.43
C2' DM2 C . 9.23 -19.45 -5.97
C3' DM2 C . 9.77 -20.76 -6.55
N3' DM2 C . 9.50 -20.80 -7.99
C4' DM2 C . 9.20 -22.02 -5.86
O4' DM2 C . 8.29 -22.69 -6.71
C5' DM2 C . 8.48 -21.67 -4.57
O5' DM2 C . 9.25 -20.68 -3.85
C6' DM2 C . 7.10 -21.12 -4.82
C1 DM2 D . 18.57 -10.71 -9.50
C2 DM2 D . 18.73 -9.34 -9.37
C3 DM2 D . 17.69 -8.52 -9.02
C4 DM2 D . 16.42 -9.07 -8.79
O4 DM2 D . 15.37 -8.27 -8.41
C5 DM2 D . 16.22 -10.48 -8.92
C6 DM2 D . 14.89 -11.15 -8.72
O6 DM2 D . 13.84 -10.44 -8.58
C7 DM2 D . 14.79 -12.66 -8.74
C8 DM2 D . 13.57 -13.32 -8.43
O8 DM2 D . 12.48 -12.59 -8.09
C9 DM2 D . 13.46 -14.72 -8.45
C10 DM2 D . 12.12 -15.35 -8.08
O10 DM2 D . 11.10 -15.13 -9.09
C11 DM2 D . 12.17 -16.86 -7.87
C12 DM2 D . 13.04 -17.53 -8.93
O12 DM2 D . 12.55 -17.25 -10.25
C13 DM2 D . 12.89 -19.05 -8.68
O13 DM2 D . 13.70 -19.64 -8.00
C14 DM2 D . 11.74 -19.81 -9.25
O14 DM2 D . 12.14 -21.11 -9.65
C15 DM2 D . 14.48 -17.02 -8.80
C16 DM2 D . 14.58 -15.51 -8.78
C17 DM2 D . 15.80 -14.87 -9.10
O17 DM2 D . 16.89 -15.65 -9.42
C18 DM2 D . 15.91 -13.44 -9.09
C19 DM2 D . 17.21 -12.76 -9.44
O19 DM2 D . 18.17 -13.42 -9.83
C20 DM2 D . 17.33 -11.29 -9.28
C21 DM2 D . 15.31 -6.89 -8.80
C1' DM2 D . 9.90 -14.48 -8.72
C2' DM2 D . 9.24 -13.98 -9.98
C3' DM2 D . 8.62 -15.13 -10.77
N3' DM2 D . 7.97 -14.59 -11.97
C4' DM2 D . 7.67 -15.96 -9.90
O4' DM2 D . 6.50 -15.19 -9.57
C5' DM2 D . 8.45 -16.45 -8.65
O5' DM2 D . 9.04 -15.32 -7.94
C6' DM2 D . 7.59 -17.19 -7.63
PA NAP E . 11.54 -22.99 4.62
O1A NAP E . 12.29 -23.16 5.91
O2A NAP E . 12.19 -23.31 3.32
O5B NAP E . 10.08 -23.60 4.56
C5B NAP E . 9.58 -24.53 5.44
C4B NAP E . 8.23 -24.13 5.99
O4B NAP E . 7.08 -24.08 5.09
C3B NAP E . 7.97 -25.32 6.92
O3B NAP E . 7.61 -24.82 8.19
C2B NAP E . 6.87 -26.07 6.21
O2B NAP E . 6.17 -26.84 7.13
C1B NAP E . 6.06 -24.94 5.63
N9A NAP E . 5.15 -25.51 4.62
C8A NAP E . 5.43 -25.63 3.31
N7A NAP E . 4.37 -26.16 2.66
C5A NAP E . 3.42 -26.39 3.56
C6A NAP E . 2.07 -26.96 3.53
N6A NAP E . 1.57 -27.37 2.37
N1A NAP E . 1.37 -27.02 4.67
C2A NAP E . 1.90 -26.58 5.82
N3A NAP E . 3.14 -26.06 5.93
C4A NAP E . 3.93 -25.95 4.85
O3 NAP E . 10.78 -21.59 4.57
PN NAP E . 11.43 -20.18 4.80
O1N NAP E . 12.80 -20.16 4.12
O2N NAP E . 11.08 -19.85 6.22
O5D NAP E . 10.44 -19.45 3.80
C5D NAP E . 10.71 -19.53 2.41
C4D NAP E . 9.64 -18.76 1.69
O4D NAP E . 9.99 -17.36 1.68
C3D NAP E . 9.52 -19.17 0.23
O3D NAP E . 8.64 -20.27 0.02
C2D NAP E . 9.00 -17.90 -0.40
O2D NAP E . 7.58 -17.90 -0.34
C1D NAP E . 9.54 -16.77 0.46
N1N NAP E . 10.63 -16.07 -0.22
C2N NAP E . 11.85 -16.62 -0.42
C3N NAP E . 12.88 -15.92 -1.09
C7N NAP E . 14.27 -16.49 -1.29
O7N NAP E . 15.22 -15.78 -1.66
N7N NAP E . 14.52 -17.78 -1.03
C4N NAP E . 12.63 -14.65 -1.53
C5N NAP E . 11.38 -14.11 -1.30
C6N NAP E . 10.38 -14.83 -0.65
P2B NAP E . 6.53 -28.41 7.35
O1X NAP E . 6.98 -28.53 8.79
O2X NAP E . 5.16 -28.99 7.14
O3X NAP E . 7.59 -28.75 6.32
C1 DM2 F . -3.15 18.47 -11.71
C2 DM2 F . -2.58 17.28 -12.20
C3 DM2 F . -2.26 16.23 -11.34
C4 DM2 F . -2.50 16.38 -9.97
O4 DM2 F . -2.19 15.45 -9.03
C5 DM2 F . -3.04 17.59 -9.45
C6 DM2 F . -3.29 17.74 -7.98
O6 DM2 F . -3.07 16.78 -7.24
C7 DM2 F . -3.84 19.01 -7.41
C8 DM2 F . -4.04 19.22 -6.00
O8 DM2 F . -3.67 18.21 -5.13
C9 DM2 F . -4.53 20.43 -5.44
C10 DM2 F . -4.70 20.68 -3.93
O10 DM2 F . -3.52 21.29 -3.29
C11 DM2 F . -5.83 21.63 -3.61
C12 DM2 F . -5.57 22.98 -4.30
O12 DM2 F . -4.37 23.56 -3.74
C13 DM2 F . -6.67 24.01 -3.96
O13 DM2 F . -7.84 23.87 -4.25
C14 DM2 F . -6.25 25.29 -3.25
O14 DM2 F . -5.82 25.11 -1.90
C15 DM2 F . -5.39 22.80 -5.84
C16 DM2 F . -4.85 21.47 -6.35
C17 DM2 F . -4.65 21.27 -7.74
O17 DM2 F . -4.95 22.25 -8.67
C18 DM2 F . -4.16 20.06 -8.30
C19 DM2 F . -3.96 19.89 -9.79
O19 DM2 F . -4.28 20.80 -10.55
C20 DM2 F . -3.38 18.63 -10.33
C21 DM2 F . -2.27 14.05 -9.35
C1' DM2 F . -3.40 21.57 -1.89
C2' DM2 F . -2.02 22.16 -1.63
C3' DM2 F . -1.86 23.63 -1.96
N3' DM2 F . -1.47 24.44 -0.80
C4' DM2 F . -3.15 24.16 -2.57
O4' DM2 F . -3.02 25.58 -2.76
C5' DM2 F . -4.34 23.83 -1.66
O5' DM2 F . -4.43 22.42 -1.35
C6' DM2 F . -4.24 24.54 -0.32
C1 DM2 G . 0.48 18.20 -14.67
C2 DM2 G . 0.75 16.99 -15.28
C3 DM2 G . 0.97 15.85 -14.53
C4 DM2 G . 0.91 15.89 -13.13
O4 DM2 G . 1.09 14.79 -12.36
C5 DM2 G . 0.63 17.13 -12.49
C6 DM2 G . 0.58 17.24 -10.99
O6 DM2 G . 0.91 16.27 -10.27
C7 DM2 G . 0.18 18.52 -10.37
C8 DM2 G . -0.02 18.62 -8.98
O8 DM2 G . 0.20 17.52 -8.20
C9 DM2 G . -0.40 19.81 -8.36
C10 DM2 G . -0.59 19.85 -6.84
O10 DM2 G . 0.68 19.72 -6.14
C11 DM2 G . -1.20 21.14 -6.31
C12 DM2 G . -0.71 22.39 -7.06
O12 DM2 G . 0.72 22.60 -7.01
C13 DM2 G . -1.42 23.55 -6.33
O13 DM2 G . -2.35 24.13 -6.86
C14 DM2 G . -1.00 23.93 -4.93
O14 DM2 G . -0.72 25.32 -4.80
C15 DM2 G . -1.03 22.28 -8.55
C16 DM2 G . -0.62 20.96 -9.15
C17 DM2 G . -0.45 20.88 -10.54
O17 DM2 G . -0.68 22.01 -11.27
C18 DM2 G . -0.04 19.67 -11.17
C19 DM2 G . 0.14 19.61 -12.65
O19 DM2 G . 0.04 20.62 -13.32
C20 DM2 G . 0.41 18.28 -13.28
C21 DM2 G . 1.89 13.69 -12.84
C1' DM2 G . 0.83 18.73 -5.15
C2' DM2 G . 2.32 18.59 -4.94
C3' DM2 G . 2.91 19.66 -4.03
N3' DM2 G . 4.30 19.31 -3.71
C4' DM2 G . 2.08 19.82 -2.76
O4' DM2 G . 2.16 18.64 -1.95
C5' DM2 G . 0.65 20.13 -3.15
O5' DM2 G . 0.10 19.04 -3.94
C6' DM2 G . -0.26 20.32 -1.95
PA NAP H . -14.27 21.94 -1.41
O1A NAP H . -15.70 21.88 -1.94
O2A NAP H . -13.22 22.77 -2.10
O5B NAP H . -14.13 22.06 0.16
C5B NAP H . -15.14 22.38 1.05
C4B NAP H . -15.09 21.49 2.28
O4B NAP H . -13.92 21.48 3.13
C3B NAP H . -16.20 22.09 3.13
O3B NAP H . -17.09 21.06 3.52
C2B NAP H . -15.49 22.68 4.30
O2B NAP H . -16.37 22.77 5.39
C1B NAP H . -14.37 21.68 4.50
N9A NAP H . -13.34 22.27 5.39
C8A NAP H . -12.24 22.92 4.97
N7A NAP H . -11.50 23.33 6.01
C5A NAP H . -12.12 22.96 7.10
C6A NAP H . -11.86 23.11 8.54
N6A NAP H . -10.76 23.75 8.96
N1A NAP H . -12.74 22.58 9.39
C2A NAP H . -13.84 21.93 8.96
N3A NAP H . -14.13 21.77 7.65
C4A NAP H . -13.32 22.26 6.70
O3 NAP H . -13.60 20.49 -1.30
PN NAP H . -13.61 19.25 -2.29
O1N NAP H . -13.50 19.78 -3.71
O2N NAP H . -14.66 18.36 -1.66
O5D NAP H . -12.16 18.77 -1.81
C5D NAP H . -11.01 19.41 -2.34
C4D NAP H . -9.83 18.76 -1.65
O4D NAP H . -9.48 17.64 -2.43
C3D NAP H . -8.59 19.64 -1.58
O3D NAP H . -8.49 20.39 -0.37
C2D NAP H . -7.48 18.64 -1.67
O2D NAP H . -7.08 18.28 -0.36
C1D NAP H . -8.09 17.45 -2.40
N1N NAP H . -7.59 17.36 -3.77
C2N NAP H . -7.90 18.28 -4.71
C3N NAP H . -7.40 18.16 -6.00
C7N NAP H . -7.70 19.13 -7.13
O7N NAP H . -7.34 18.94 -8.29
N7N NAP H . -8.38 20.23 -6.87
C4N NAP H . -6.59 17.08 -6.29
C5N NAP H . -6.30 16.15 -5.32
C6N NAP H . -6.81 16.31 -4.05
P2B NAP H . -17.22 24.14 5.60
O1X NAP H . -18.68 23.80 5.49
O2X NAP H . -16.87 24.46 7.03
O3X NAP H . -16.69 25.06 4.52
#